data_3WTO
#
_entry.id   3WTO
#
_cell.length_a   73.056
_cell.length_b   120.742
_cell.length_c   139.346
_cell.angle_alpha   90.00
_cell.angle_beta   90.00
_cell.angle_gamma   90.00
#
_symmetry.space_group_name_H-M   'P 21 21 21'
#
loop_
_entity.id
_entity.type
_entity.pdbx_description
1 polymer 'Acetylcholine-binding protein'
2 non-polymer (2Z)-1-[(6-chloropyridin-3-yl)methyl]imidazolidin-2-imine
3 water water
#
_entity_poly.entity_id   1
_entity_poly.type   'polypeptide(L)'
_entity_poly.pdbx_seq_one_letter_code
;EAEAADRADILYNIRQTSRPDVIPTQRDRPVAVSVSLKFINILEVNEITNEVDVVFWQRTTWSDRTLAWDSSHSPDQVSV
PISSLWVPDLAAYNAISKPEVLTPQLARVVSDGEVLYMPSIRQRFSCDVSGVDTESGATCRIKIGSWTHHSREISVDPTT
ENSDDSEYFSQYSRFEILDVTQKKNSVTYSCCPEAYEDVEVSLNFRKKGRSEIL
;
_entity_poly.pdbx_strand_id   A,B,C,D,E
#
# COMPACT_ATOMS: atom_id res chain seq x y z
N ALA A 4 -38.35 17.81 -5.09
CA ALA A 4 -38.43 17.28 -3.70
C ALA A 4 -37.54 16.05 -3.55
N ALA A 5 -36.25 16.20 -3.86
CA ALA A 5 -35.29 15.10 -3.77
C ALA A 5 -34.73 14.86 -2.37
N ASP A 6 -33.99 13.77 -2.22
CA ASP A 6 -33.36 13.41 -0.95
C ASP A 6 -31.84 13.27 -1.17
N ARG A 7 -31.10 12.88 -0.13
CA ARG A 7 -29.65 12.74 -0.26
C ARG A 7 -29.24 11.73 -1.33
N ALA A 8 -30.03 10.68 -1.50
CA ALA A 8 -29.71 9.65 -2.49
C ALA A 8 -29.70 10.24 -3.89
N ASP A 9 -30.74 11.01 -4.20
CA ASP A 9 -30.84 11.64 -5.52
C ASP A 9 -29.72 12.67 -5.69
N ILE A 10 -29.45 13.44 -4.65
CA ILE A 10 -28.38 14.44 -4.71
C ILE A 10 -27.07 13.78 -5.10
N LEU A 11 -26.73 12.68 -4.45
CA LEU A 11 -25.50 11.97 -4.78
C LEU A 11 -25.54 11.42 -6.19
N TYR A 12 -26.62 10.70 -6.53
CA TYR A 12 -26.78 10.11 -7.85
C TYR A 12 -26.58 11.13 -8.97
N ASN A 13 -27.23 12.29 -8.85
CA ASN A 13 -27.11 13.33 -9.85
C ASN A 13 -25.66 13.78 -10.00
N ILE A 14 -24.98 13.93 -8.88
CA ILE A 14 -23.58 14.36 -8.88
C ILE A 14 -22.74 13.37 -9.70
N ARG A 15 -23.08 12.09 -9.62
CA ARG A 15 -22.34 11.07 -10.37
C ARG A 15 -22.65 11.19 -11.86
N GLN A 16 -23.80 11.78 -12.18
CA GLN A 16 -24.22 11.94 -13.57
C GLN A 16 -23.75 13.20 -14.28
N THR A 17 -23.20 14.15 -13.54
CA THR A 17 -22.72 15.38 -14.14
C THR A 17 -21.30 15.72 -13.76
N SER A 18 -20.84 15.17 -12.64
CA SER A 18 -19.49 15.42 -12.17
C SER A 18 -18.47 14.76 -13.09
N ARG A 19 -17.41 15.50 -13.38
CA ARG A 19 -16.35 15.01 -14.22
C ARG A 19 -15.07 15.16 -13.40
N PRO A 20 -14.78 14.15 -12.57
CA PRO A 20 -13.60 14.12 -11.69
C PRO A 20 -12.28 14.49 -12.36
N ASP A 21 -12.16 14.25 -13.66
CA ASP A 21 -10.91 14.55 -14.35
C ASP A 21 -10.99 15.80 -15.24
N VAL A 22 -12.00 16.62 -15.02
CA VAL A 22 -12.19 17.84 -15.79
C VAL A 22 -12.24 19.06 -14.88
N ILE A 23 -11.23 19.92 -14.98
CA ILE A 23 -11.19 21.14 -14.16
C ILE A 23 -12.40 22.00 -14.54
N PRO A 24 -13.29 22.29 -13.58
CA PRO A 24 -14.49 23.08 -13.80
C PRO A 24 -14.31 24.60 -13.99
N THR A 25 -13.68 24.99 -15.10
CA THR A 25 -13.48 26.41 -15.38
C THR A 25 -14.75 27.09 -15.90
N GLN A 26 -14.99 28.32 -15.45
CA GLN A 26 -16.13 29.11 -15.89
C GLN A 26 -15.56 30.11 -16.88
N ARG A 27 -16.11 30.13 -18.09
CA ARG A 27 -15.58 30.99 -19.14
C ARG A 27 -14.14 30.55 -19.30
N ASP A 28 -13.25 31.48 -19.65
CA ASP A 28 -11.85 31.11 -19.83
C ASP A 28 -11.07 31.60 -18.60
N ARG A 29 -11.72 31.53 -17.45
CA ARG A 29 -11.12 31.99 -16.21
C ARG A 29 -10.63 30.87 -15.29
N PRO A 30 -9.63 31.16 -14.47
CA PRO A 30 -9.09 30.14 -13.55
C PRO A 30 -10.06 29.78 -12.44
N VAL A 31 -9.96 28.55 -11.97
CA VAL A 31 -10.78 28.10 -10.86
C VAL A 31 -10.09 28.64 -9.62
N ALA A 32 -10.82 29.41 -8.81
CA ALA A 32 -10.25 30.00 -7.60
C ALA A 32 -10.27 29.04 -6.42
N VAL A 33 -9.09 28.65 -5.95
CA VAL A 33 -8.97 27.74 -4.82
C VAL A 33 -8.38 28.45 -3.62
N SER A 34 -8.97 28.26 -2.45
CA SER A 34 -8.46 28.87 -1.23
C SER A 34 -7.78 27.78 -0.39
N VAL A 35 -6.59 28.08 0.08
CA VAL A 35 -5.82 27.13 0.88
C VAL A 35 -5.43 27.77 2.20
N SER A 36 -5.69 27.06 3.28
CA SER A 36 -5.39 27.54 4.62
C SER A 36 -5.03 26.37 5.53
N LEU A 37 -3.89 26.47 6.20
CA LEU A 37 -3.49 25.38 7.08
C LEU A 37 -3.71 25.70 8.56
N LYS A 38 -4.24 24.70 9.28
CA LYS A 38 -4.47 24.80 10.72
C LYS A 38 -3.57 23.72 11.29
N PHE A 39 -2.48 24.12 11.93
CA PHE A 39 -1.55 23.17 12.50
C PHE A 39 -2.08 22.45 13.72
N ILE A 40 -1.93 21.14 13.70
CA ILE A 40 -2.43 20.27 14.76
C ILE A 40 -1.32 19.73 15.65
N ASN A 41 -0.14 19.53 15.09
CA ASN A 41 0.96 19.00 15.87
C ASN A 41 2.26 19.18 15.09
N ILE A 42 3.37 19.07 15.82
CA ILE A 42 4.72 19.16 15.28
C ILE A 42 5.35 18.00 16.02
N LEU A 43 5.51 16.87 15.32
CA LEU A 43 6.01 15.62 15.90
C LEU A 43 7.51 15.33 15.88
N GLU A 44 8.17 15.64 14.78
CA GLU A 44 9.59 15.34 14.72
C GLU A 44 10.35 16.47 14.08
N VAL A 45 11.29 17.02 14.83
CA VAL A 45 12.09 18.12 14.35
C VAL A 45 13.55 17.70 14.42
N ASN A 46 14.30 18.04 13.38
CA ASN A 46 15.71 17.70 13.32
C ASN A 46 16.41 18.93 12.79
N GLU A 47 17.11 19.64 13.68
CA GLU A 47 17.81 20.85 13.28
C GLU A 47 19.02 20.52 12.43
N ILE A 48 19.64 19.37 12.68
CA ILE A 48 20.80 18.98 11.90
C ILE A 48 20.46 18.69 10.45
N THR A 49 19.29 18.09 10.21
CA THR A 49 18.88 17.76 8.86
C THR A 49 17.90 18.77 8.27
N ASN A 50 17.41 19.70 9.09
CA ASN A 50 16.44 20.69 8.63
C ASN A 50 15.20 19.97 8.06
N GLU A 51 14.69 19.02 8.83
CA GLU A 51 13.50 18.27 8.43
C GLU A 51 12.51 18.29 9.57
N VAL A 52 11.22 18.37 9.25
CA VAL A 52 10.20 18.39 10.28
C VAL A 52 8.97 17.57 9.89
N ASP A 53 8.28 17.09 10.91
CA ASP A 53 7.06 16.30 10.76
C ASP A 53 5.91 17.10 11.32
N VAL A 54 4.95 17.43 10.47
CA VAL A 54 3.81 18.19 10.93
C VAL A 54 2.46 17.58 10.58
N VAL A 55 1.49 17.83 11.45
CA VAL A 55 0.13 17.36 11.25
C VAL A 55 -0.71 18.63 11.15
N PHE A 56 -1.47 18.74 10.06
CA PHE A 56 -2.29 19.92 9.84
C PHE A 56 -3.56 19.63 9.03
N TRP A 57 -4.54 20.52 9.19
CA TRP A 57 -5.78 20.43 8.44
C TRP A 57 -5.56 21.35 7.26
N GLN A 58 -5.80 20.83 6.07
CA GLN A 58 -5.62 21.63 4.87
C GLN A 58 -6.97 22.09 4.36
N ARG A 59 -7.52 23.12 5.01
CA ARG A 59 -8.80 23.68 4.60
C ARG A 59 -8.68 24.09 3.15
N THR A 60 -9.50 23.48 2.29
CA THR A 60 -9.46 23.77 0.87
C THR A 60 -10.85 24.02 0.32
N THR A 61 -11.04 25.16 -0.34
CA THR A 61 -12.34 25.50 -0.91
C THR A 61 -12.22 25.96 -2.35
N TRP A 62 -13.26 25.66 -3.12
CA TRP A 62 -13.34 26.05 -4.53
C TRP A 62 -14.79 25.86 -4.95
N SER A 63 -15.10 26.30 -6.16
CA SER A 63 -16.45 26.22 -6.68
C SER A 63 -16.52 25.33 -7.92
N ASP A 64 -17.63 24.59 -8.03
CA ASP A 64 -17.84 23.69 -9.17
C ASP A 64 -19.34 23.73 -9.47
N ARG A 65 -19.73 24.53 -10.45
CA ARG A 65 -21.13 24.65 -10.80
C ARG A 65 -21.76 23.39 -11.38
N THR A 66 -20.93 22.45 -11.85
CA THR A 66 -21.45 21.21 -12.42
C THR A 66 -22.08 20.33 -11.32
N LEU A 67 -21.92 20.76 -10.06
CA LEU A 67 -22.45 20.00 -8.94
C LEU A 67 -23.71 20.62 -8.33
N ALA A 68 -24.08 21.82 -8.79
CA ALA A 68 -25.24 22.51 -8.24
C ALA A 68 -26.57 21.76 -8.40
N TRP A 69 -27.48 22.00 -7.45
CA TRP A 69 -28.81 21.37 -7.47
C TRP A 69 -29.79 22.24 -6.70
N ASP A 70 -31.08 22.09 -7.01
CA ASP A 70 -32.12 22.89 -6.34
C ASP A 70 -32.41 22.31 -4.96
N SER A 71 -32.01 23.04 -3.92
CA SER A 71 -32.21 22.59 -2.55
C SER A 71 -33.43 23.24 -1.90
N SER A 72 -34.36 23.71 -2.72
CA SER A 72 -35.56 24.36 -2.21
C SER A 72 -36.40 23.35 -1.43
N HIS A 73 -36.42 22.11 -1.91
CA HIS A 73 -37.18 21.03 -1.26
C HIS A 73 -36.31 19.82 -0.97
N SER A 74 -35.12 20.07 -0.44
CA SER A 74 -34.19 18.99 -0.10
C SER A 74 -33.01 19.56 0.67
N PRO A 75 -32.10 18.69 1.13
CA PRO A 75 -30.94 19.18 1.88
C PRO A 75 -30.07 20.03 0.96
N ASP A 76 -29.35 20.99 1.53
CA ASP A 76 -28.50 21.87 0.72
C ASP A 76 -27.02 21.56 0.91
N GLN A 77 -26.73 20.46 1.60
CA GLN A 77 -25.36 20.04 1.86
C GLN A 77 -25.24 18.54 2.08
N VAL A 78 -24.17 17.95 1.56
CA VAL A 78 -23.93 16.51 1.71
C VAL A 78 -22.43 16.17 1.65
N SER A 79 -22.04 15.09 2.33
CA SER A 79 -20.66 14.64 2.31
C SER A 79 -20.51 13.74 1.07
N VAL A 80 -19.41 13.93 0.35
CA VAL A 80 -19.17 13.17 -0.88
C VAL A 80 -17.74 12.69 -0.97
N PRO A 81 -17.53 11.43 -1.36
CA PRO A 81 -16.13 10.98 -1.45
C PRO A 81 -15.45 11.80 -2.55
N ILE A 82 -14.22 12.23 -2.30
CA ILE A 82 -13.50 13.04 -3.28
C ILE A 82 -13.30 12.33 -4.61
N SER A 83 -13.31 11.00 -4.59
CA SER A 83 -13.14 10.25 -5.83
C SER A 83 -14.31 10.50 -6.79
N SER A 84 -15.40 11.07 -6.28
CA SER A 84 -16.57 11.38 -7.10
C SER A 84 -16.53 12.84 -7.57
N LEU A 85 -15.52 13.60 -7.15
CA LEU A 85 -15.41 15.01 -7.52
C LEU A 85 -14.08 15.41 -8.13
N TRP A 86 -14.10 16.52 -8.86
CA TRP A 86 -12.83 17.02 -9.38
C TRP A 86 -12.24 17.68 -8.14
N VAL A 87 -10.93 17.54 -7.96
CA VAL A 87 -10.27 18.15 -6.81
C VAL A 87 -8.97 18.77 -7.34
N PRO A 88 -8.58 19.95 -6.84
CA PRO A 88 -7.34 20.53 -7.36
C PRO A 88 -6.11 19.67 -7.05
N ASP A 89 -5.21 19.56 -8.02
CA ASP A 89 -4.00 18.77 -7.89
C ASP A 89 -2.90 19.50 -7.11
N LEU A 90 -3.19 19.82 -5.85
CA LEU A 90 -2.24 20.54 -5.01
C LEU A 90 -1.09 19.66 -4.53
N ALA A 91 0.07 20.28 -4.38
CA ALA A 91 1.24 19.59 -3.90
C ALA A 91 2.13 20.56 -3.12
N ALA A 92 2.77 20.06 -2.07
CA ALA A 92 3.67 20.88 -1.29
C ALA A 92 5.03 20.72 -1.96
N TYR A 93 5.60 21.83 -2.43
CA TYR A 93 6.89 21.84 -3.11
C TYR A 93 8.06 21.31 -2.28
N ASN A 94 8.09 21.67 -1.00
CA ASN A 94 9.19 21.23 -0.14
C ASN A 94 8.89 20.01 0.73
N ALA A 95 7.88 19.23 0.34
CA ALA A 95 7.52 18.01 1.08
C ALA A 95 8.51 16.92 0.70
N ILE A 96 8.91 16.10 1.66
CA ILE A 96 9.84 15.01 1.33
C ILE A 96 9.20 13.64 1.54
N SER A 97 7.89 13.64 1.78
CA SER A 97 7.12 12.39 1.94
C SER A 97 5.75 12.65 1.33
N LYS A 98 5.07 11.59 0.91
CA LYS A 98 3.75 11.74 0.33
C LYS A 98 2.86 12.12 1.50
N PRO A 99 1.79 12.87 1.25
CA PRO A 99 0.93 13.22 2.39
C PRO A 99 0.20 12.01 2.97
N GLU A 100 0.18 11.91 4.30
CA GLU A 100 -0.50 10.81 4.97
C GLU A 100 -1.85 11.37 5.42
N VAL A 101 -2.91 11.10 4.66
CA VAL A 101 -4.24 11.57 5.01
C VAL A 101 -4.79 10.71 6.16
N LEU A 102 -4.93 11.36 7.32
CA LEU A 102 -5.38 10.72 8.55
C LEU A 102 -6.90 10.69 8.74
N THR A 103 -7.64 11.26 7.81
CA THR A 103 -9.08 11.33 7.96
C THR A 103 -9.87 10.84 6.75
N PRO A 104 -11.16 10.51 6.95
CA PRO A 104 -11.99 10.03 5.83
C PRO A 104 -11.92 11.05 4.70
N GLN A 105 -11.62 10.57 3.50
CA GLN A 105 -11.48 11.44 2.34
C GLN A 105 -12.80 11.85 1.71
N LEU A 106 -13.54 12.64 2.47
CA LEU A 106 -14.84 13.13 2.06
C LEU A 106 -14.84 14.65 1.99
N ALA A 107 -15.49 15.18 0.97
CA ALA A 107 -15.61 16.61 0.78
C ALA A 107 -17.06 16.96 1.09
N ARG A 108 -17.30 18.23 1.39
CA ARG A 108 -18.64 18.71 1.70
C ARG A 108 -19.08 19.61 0.53
N VAL A 109 -20.15 19.23 -0.14
CA VAL A 109 -20.65 19.99 -1.27
C VAL A 109 -21.97 20.69 -0.95
N VAL A 110 -22.00 22.00 -1.16
CA VAL A 110 -23.21 22.81 -0.90
C VAL A 110 -24.00 22.93 -2.21
N SER A 111 -25.31 23.06 -2.11
CA SER A 111 -26.20 23.14 -3.28
C SER A 111 -25.82 24.10 -4.42
N ASP A 112 -25.21 25.23 -4.09
CA ASP A 112 -24.81 26.20 -5.12
C ASP A 112 -23.50 25.83 -5.80
N GLY A 113 -22.89 24.73 -5.36
CA GLY A 113 -21.64 24.31 -5.98
C GLY A 113 -20.39 24.48 -5.15
N GLU A 114 -20.49 25.20 -4.04
CA GLU A 114 -19.33 25.39 -3.18
C GLU A 114 -18.86 24.08 -2.56
N VAL A 115 -17.57 23.80 -2.69
CA VAL A 115 -16.97 22.58 -2.16
C VAL A 115 -15.92 22.84 -1.08
N LEU A 116 -15.96 22.04 -0.01
CA LEU A 116 -14.99 22.15 1.07
C LEU A 116 -14.38 20.77 1.34
N TYR A 117 -13.06 20.70 1.28
CA TYR A 117 -12.36 19.46 1.54
C TYR A 117 -11.28 19.86 2.51
N MET A 118 -11.33 19.30 3.73
CA MET A 118 -10.38 19.63 4.76
C MET A 118 -9.75 18.41 5.42
N PRO A 119 -8.81 17.74 4.72
CA PRO A 119 -8.17 16.56 5.28
C PRO A 119 -7.09 16.90 6.31
N SER A 120 -6.97 16.07 7.34
CA SER A 120 -5.92 16.28 8.33
C SER A 120 -4.77 15.47 7.75
N ILE A 121 -3.61 16.11 7.61
CA ILE A 121 -2.46 15.49 7.00
C ILE A 121 -1.17 15.48 7.82
N ARG A 122 -0.49 14.34 7.81
CA ARG A 122 0.80 14.23 8.46
C ARG A 122 1.78 14.13 7.32
N GLN A 123 2.74 15.05 7.27
CA GLN A 123 3.71 15.06 6.18
C GLN A 123 5.07 15.56 6.65
N ARG A 124 6.13 15.13 5.97
N ARG A 124 6.13 15.12 5.95
CA ARG A 124 7.48 15.54 6.34
CA ARG A 124 7.50 15.50 6.28
C ARG A 124 7.98 16.58 5.35
C ARG A 124 7.98 16.59 5.33
N PHE A 125 8.60 17.63 5.89
CA PHE A 125 9.09 18.72 5.06
C PHE A 125 10.57 19.05 5.19
N SER A 126 11.08 19.69 4.14
CA SER A 126 12.46 20.16 4.10
C SER A 126 12.33 21.67 4.27
N CYS A 127 12.73 22.21 5.42
CA CYS A 127 12.63 23.65 5.64
C CYS A 127 13.63 24.12 6.70
N ASP A 128 13.67 25.42 6.92
CA ASP A 128 14.61 26.00 7.89
C ASP A 128 14.21 25.67 9.32
N VAL A 129 14.98 24.80 9.97
CA VAL A 129 14.69 24.43 11.35
C VAL A 129 15.66 25.14 12.32
N SER A 130 16.62 25.87 11.78
CA SER A 130 17.59 26.56 12.62
C SER A 130 16.91 27.49 13.61
N GLY A 131 17.38 27.46 14.85
CA GLY A 131 16.81 28.33 15.86
C GLY A 131 15.63 27.76 16.60
N VAL A 132 15.23 26.54 16.26
CA VAL A 132 14.08 25.91 16.91
C VAL A 132 14.20 25.88 18.44
N ASP A 133 15.43 25.85 18.94
CA ASP A 133 15.64 25.81 20.39
C ASP A 133 15.80 27.17 21.05
N THR A 134 15.83 28.24 20.25
CA THR A 134 15.98 29.58 20.80
C THR A 134 14.61 30.13 21.20
N GLU A 135 14.61 31.35 21.73
CA GLU A 135 13.37 31.99 22.16
C GLU A 135 12.64 32.49 20.91
N SER A 136 13.42 32.88 19.91
CA SER A 136 12.85 33.39 18.66
C SER A 136 12.28 32.22 17.85
N GLY A 137 12.84 31.03 18.06
CA GLY A 137 12.39 29.85 17.37
C GLY A 137 12.88 29.73 15.93
N ALA A 138 12.35 28.75 15.22
CA ALA A 138 12.70 28.53 13.83
C ALA A 138 11.51 28.93 12.98
N THR A 139 11.75 29.21 11.71
CA THR A 139 10.67 29.58 10.80
C THR A 139 10.69 28.61 9.60
N CYS A 140 9.72 27.70 9.57
CA CYS A 140 9.62 26.70 8.51
C CYS A 140 8.57 27.13 7.50
N ARG A 141 8.98 27.33 6.25
CA ARG A 141 8.06 27.75 5.21
C ARG A 141 7.57 26.56 4.37
N ILE A 142 6.26 26.42 4.24
CA ILE A 142 5.65 25.34 3.47
C ILE A 142 4.96 25.94 2.24
N LYS A 143 5.41 25.53 1.06
CA LYS A 143 4.88 26.03 -0.21
C LYS A 143 3.92 25.02 -0.85
N ILE A 144 2.70 25.47 -1.13
CA ILE A 144 1.67 24.60 -1.71
C ILE A 144 1.01 25.27 -2.91
N GLY A 145 0.80 24.49 -3.97
CA GLY A 145 0.16 25.02 -5.18
C GLY A 145 -0.20 23.93 -6.17
N SER A 146 -0.86 24.28 -7.26
CA SER A 146 -1.22 23.28 -8.25
C SER A 146 0.03 22.76 -8.93
N TRP A 147 0.15 21.45 -9.03
CA TRP A 147 1.31 20.85 -9.64
C TRP A 147 1.32 21.02 -11.17
N THR A 148 0.17 20.83 -11.81
CA THR A 148 0.11 20.94 -13.27
C THR A 148 -0.77 22.02 -13.88
N HIS A 149 -1.57 22.72 -13.08
CA HIS A 149 -2.42 23.76 -13.64
C HIS A 149 -1.80 25.15 -13.40
N HIS A 150 -1.46 25.84 -14.47
CA HIS A 150 -0.85 27.17 -14.35
C HIS A 150 -1.85 28.24 -13.90
N SER A 151 -1.35 29.46 -13.72
CA SER A 151 -2.14 30.60 -13.24
C SER A 151 -3.43 30.90 -13.97
N ARG A 152 -3.54 30.53 -15.24
CA ARG A 152 -4.77 30.81 -15.97
C ARG A 152 -5.79 29.68 -15.86
N GLU A 153 -5.42 28.61 -15.16
CA GLU A 153 -6.31 27.47 -14.98
C GLU A 153 -6.68 27.37 -13.50
N ILE A 154 -5.69 27.50 -12.64
CA ILE A 154 -5.94 27.47 -11.21
C ILE A 154 -5.18 28.59 -10.51
N SER A 155 -5.87 29.31 -9.63
CA SER A 155 -5.21 30.35 -8.85
C SER A 155 -5.46 29.93 -7.40
N VAL A 156 -4.46 30.14 -6.56
CA VAL A 156 -4.58 29.78 -5.15
C VAL A 156 -4.40 31.04 -4.33
N ASP A 157 -5.18 31.17 -3.28
CA ASP A 157 -5.09 32.32 -2.40
C ASP A 157 -5.32 31.92 -0.95
N PRO A 158 -4.63 32.60 -0.03
CA PRO A 158 -4.77 32.31 1.40
C PRO A 158 -6.15 32.70 1.91
N THR A 159 -6.65 31.94 2.89
CA THR A 159 -7.95 32.22 3.48
C THR A 159 -7.66 33.06 4.72
N THR A 160 -7.98 34.35 4.64
CA THR A 160 -7.74 35.28 5.75
C THR A 160 -8.64 35.04 6.96
N GLU A 161 -9.04 33.79 7.18
CA GLU A 161 -9.91 33.47 8.30
C GLU A 161 -9.31 33.96 9.63
N ASN A 162 -10.15 34.60 10.43
CA ASN A 162 -9.72 35.14 11.71
C ASN A 162 -9.86 34.11 12.83
N SER A 163 -8.73 33.63 13.32
CA SER A 163 -8.72 32.64 14.39
C SER A 163 -7.33 32.49 14.99
N ASP A 164 -7.29 31.86 16.16
CA ASP A 164 -6.04 31.61 16.88
C ASP A 164 -5.25 30.55 16.12
N ASP A 165 -3.97 30.81 15.89
CA ASP A 165 -3.12 29.87 15.17
C ASP A 165 -3.02 28.53 15.90
N SER A 166 -2.89 28.58 17.22
CA SER A 166 -2.78 27.38 18.02
C SER A 166 -4.13 26.95 18.56
N GLU A 167 -5.20 27.41 17.91
CA GLU A 167 -6.55 27.07 18.37
C GLU A 167 -6.75 25.56 18.45
N TYR A 168 -6.22 24.83 17.49
CA TYR A 168 -6.37 23.38 17.48
C TYR A 168 -5.05 22.65 17.66
N PHE A 169 -3.98 23.40 17.93
CA PHE A 169 -2.67 22.81 18.11
C PHE A 169 -2.62 21.98 19.40
N SER A 170 -1.99 20.81 19.32
CA SER A 170 -1.87 19.93 20.48
C SER A 170 -1.05 20.52 21.62
N GLN A 171 -1.58 20.39 22.83
CA GLN A 171 -0.91 20.91 24.01
C GLN A 171 0.16 19.94 24.51
N TYR A 172 0.23 18.76 23.90
CA TYR A 172 1.20 17.74 24.31
C TYR A 172 2.43 17.67 23.42
N SER A 173 2.43 18.48 22.37
CA SER A 173 3.58 18.53 21.47
C SER A 173 4.76 19.12 22.24
N ARG A 174 5.99 18.77 21.86
CA ARG A 174 7.16 19.28 22.55
C ARG A 174 7.42 20.70 22.08
N PHE A 175 6.71 21.12 21.04
CA PHE A 175 6.90 22.45 20.48
C PHE A 175 5.65 23.29 20.66
N GLU A 176 5.76 24.57 20.30
CA GLU A 176 4.65 25.49 20.42
C GLU A 176 4.69 26.49 19.27
N ILE A 177 3.54 26.99 18.89
CA ILE A 177 3.45 27.93 17.79
C ILE A 177 3.54 29.39 18.24
N LEU A 178 4.48 30.11 17.63
CA LEU A 178 4.69 31.52 17.94
C LEU A 178 3.91 32.42 16.98
N ASP A 179 3.84 32.02 15.72
CA ASP A 179 3.13 32.79 14.71
C ASP A 179 3.05 32.05 13.37
N VAL A 180 1.96 32.29 12.65
CA VAL A 180 1.76 31.66 11.35
C VAL A 180 1.25 32.71 10.36
N THR A 181 1.97 32.91 9.27
CA THR A 181 1.57 33.86 8.24
C THR A 181 1.45 33.18 6.89
N GLN A 182 0.49 33.64 6.09
CA GLN A 182 0.26 33.04 4.78
C GLN A 182 0.27 34.08 3.66
N LYS A 183 1.22 33.96 2.73
CA LYS A 183 1.31 34.88 1.60
C LYS A 183 1.15 34.13 0.28
N LYS A 184 0.64 34.85 -0.71
CA LYS A 184 0.39 34.31 -2.04
C LYS A 184 1.50 34.67 -3.04
N ASN A 185 1.99 33.68 -3.78
CA ASN A 185 3.05 33.92 -4.78
C ASN A 185 2.64 33.44 -6.17
N SER A 186 3.36 33.93 -7.17
CA SER A 186 3.12 33.57 -8.55
C SER A 186 4.54 33.50 -9.14
N VAL A 187 4.90 32.35 -9.70
CA VAL A 187 6.24 32.15 -10.20
C VAL A 187 6.38 31.49 -11.56
N THR A 188 7.31 32.01 -12.36
CA THR A 188 7.59 31.44 -13.66
C THR A 188 8.94 30.71 -13.48
N TYR A 189 8.94 29.40 -13.70
CA TYR A 189 10.17 28.62 -13.54
C TYR A 189 10.83 28.43 -14.91
N SER A 190 12.14 28.29 -14.92
CA SER A 190 12.90 28.11 -16.17
C SER A 190 12.42 26.91 -16.97
N CYS A 191 11.96 25.89 -16.25
CA CYS A 191 11.47 24.65 -16.87
C CYS A 191 10.27 24.85 -17.75
N CYS A 192 9.43 25.77 -17.33
CA CYS A 192 8.16 25.92 -17.99
C CYS A 192 7.74 27.34 -18.38
N PRO A 193 7.00 27.47 -19.51
CA PRO A 193 6.48 28.71 -20.09
C PRO A 193 5.46 29.54 -19.30
N GLU A 194 4.45 28.88 -18.75
CA GLU A 194 3.41 29.58 -17.98
C GLU A 194 3.86 29.81 -16.53
N ALA A 195 3.04 30.51 -15.77
CA ALA A 195 3.35 30.77 -14.37
C ALA A 195 2.46 29.93 -13.47
N TYR A 196 2.98 29.52 -12.32
CA TYR A 196 2.24 28.70 -11.34
C TYR A 196 2.11 29.43 -10.02
N GLU A 197 0.91 29.42 -9.46
CA GLU A 197 0.71 30.08 -8.18
C GLU A 197 0.89 29.12 -7.02
N ASP A 198 1.18 29.70 -5.86
CA ASP A 198 1.36 28.93 -4.64
C ASP A 198 1.10 29.82 -3.44
N VAL A 199 0.82 29.17 -2.31
CA VAL A 199 0.60 29.87 -1.06
C VAL A 199 1.75 29.42 -0.19
N GLU A 200 2.42 30.38 0.44
CA GLU A 200 3.53 30.05 1.31
C GLU A 200 3.04 30.26 2.72
N VAL A 201 3.17 29.23 3.53
CA VAL A 201 2.73 29.30 4.91
C VAL A 201 3.98 29.29 5.77
N SER A 202 4.16 30.33 6.58
CA SER A 202 5.34 30.42 7.44
C SER A 202 5.02 30.09 8.88
N LEU A 203 5.58 28.97 9.35
CA LEU A 203 5.37 28.51 10.72
C LEU A 203 6.57 28.81 11.61
N ASN A 204 6.37 29.74 12.55
CA ASN A 204 7.41 30.13 13.51
C ASN A 204 7.08 29.37 14.77
N PHE A 205 7.94 28.43 15.15
CA PHE A 205 7.69 27.60 16.33
C PHE A 205 9.00 27.36 17.07
N ARG A 206 8.91 26.79 18.26
CA ARG A 206 10.10 26.50 19.06
C ARG A 206 9.79 25.42 20.08
N LYS A 207 10.85 24.83 20.63
CA LYS A 207 10.68 23.81 21.65
C LYS A 207 10.26 24.54 22.93
N LYS A 208 9.38 23.92 23.71
CA LYS A 208 8.92 24.52 24.95
C LYS A 208 10.08 24.63 25.93
N GLY A 209 9.93 25.52 26.91
CA GLY A 209 10.99 25.71 27.90
C GLY A 209 10.68 25.02 29.21
N ALA B 4 -16.32 23.34 -31.81
CA ALA B 4 -15.86 24.10 -30.61
C ALA B 4 -16.10 23.30 -29.33
N ALA B 5 -15.23 22.32 -29.08
CA ALA B 5 -15.35 21.46 -27.89
C ALA B 5 -14.62 22.02 -26.66
N ASP B 6 -15.10 21.63 -25.49
CA ASP B 6 -14.50 22.06 -24.23
C ASP B 6 -13.54 21.00 -23.70
N ARG B 7 -13.03 21.19 -22.49
CA ARG B 7 -12.10 20.24 -21.89
C ARG B 7 -12.73 18.87 -21.70
N ALA B 8 -14.01 18.84 -21.33
CA ALA B 8 -14.71 17.59 -21.12
C ALA B 8 -14.66 16.71 -22.37
N ASP B 9 -14.86 17.32 -23.53
CA ASP B 9 -14.84 16.59 -24.80
C ASP B 9 -13.41 16.17 -25.15
N ILE B 10 -12.44 17.02 -24.84
CA ILE B 10 -11.05 16.70 -25.14
C ILE B 10 -10.62 15.49 -24.31
N LEU B 11 -11.09 15.41 -23.06
CA LEU B 11 -10.75 14.29 -22.18
C LEU B 11 -11.44 13.01 -22.65
N TYR B 12 -12.70 13.14 -23.05
CA TYR B 12 -13.49 12.01 -23.52
C TYR B 12 -12.91 11.38 -24.79
N ASN B 13 -12.41 12.21 -25.71
CA ASN B 13 -11.83 11.69 -26.94
C ASN B 13 -10.47 11.05 -26.70
N ILE B 14 -9.83 11.41 -25.59
CA ILE B 14 -8.53 10.86 -25.25
C ILE B 14 -8.66 9.45 -24.70
N ARG B 15 -9.72 9.19 -23.96
CA ARG B 15 -9.94 7.85 -23.39
C ARG B 15 -10.43 6.85 -24.43
N GLN B 16 -11.17 7.33 -25.42
CA GLN B 16 -11.70 6.46 -26.46
C GLN B 16 -10.61 6.03 -27.44
N THR B 17 -9.70 6.95 -27.75
CA THR B 17 -8.62 6.67 -28.69
C THR B 17 -7.30 6.21 -28.06
N SER B 18 -7.05 6.63 -26.82
CA SER B 18 -5.80 6.28 -26.15
C SER B 18 -5.73 4.84 -25.66
N ARG B 19 -4.60 4.22 -25.94
N ARG B 19 -4.60 4.21 -25.92
CA ARG B 19 -4.33 2.83 -25.53
CA ARG B 19 -4.36 2.84 -25.53
C ARG B 19 -3.13 2.84 -24.61
C ARG B 19 -3.14 2.84 -24.61
N PRO B 20 -3.36 2.90 -23.29
CA PRO B 20 -2.30 2.91 -22.27
C PRO B 20 -1.28 1.79 -22.37
N ASP B 21 -1.68 0.65 -22.94
CA ASP B 21 -0.78 -0.48 -23.07
C ASP B 21 -0.03 -0.49 -24.41
N VAL B 22 -0.37 0.45 -25.29
CA VAL B 22 0.26 0.47 -26.62
C VAL B 22 1.28 1.58 -26.90
N ILE B 23 2.55 1.21 -27.05
CA ILE B 23 3.60 2.18 -27.34
C ILE B 23 3.26 2.86 -28.68
N PRO B 24 3.26 4.21 -28.73
CA PRO B 24 2.93 4.97 -29.94
C PRO B 24 4.04 5.19 -30.98
N THR B 25 4.59 4.10 -31.50
CA THR B 25 5.64 4.18 -32.50
C THR B 25 5.08 4.65 -33.84
N GLN B 26 5.90 5.38 -34.60
CA GLN B 26 5.48 5.87 -35.92
C GLN B 26 6.11 4.95 -36.95
N ARG B 27 5.28 4.16 -37.62
CA ARG B 27 5.78 3.22 -38.63
C ARG B 27 6.68 2.21 -37.93
N ASP B 28 7.99 2.35 -38.12
CA ASP B 28 8.96 1.45 -37.51
C ASP B 28 10.02 2.25 -36.78
N ARG B 29 9.68 3.49 -36.46
CA ARG B 29 10.60 4.39 -35.77
C ARG B 29 10.40 4.27 -34.26
N PRO B 30 11.46 4.51 -33.49
CA PRO B 30 11.35 4.42 -32.03
C PRO B 30 10.73 5.70 -31.45
N VAL B 31 9.98 5.57 -30.36
CA VAL B 31 9.37 6.72 -29.71
C VAL B 31 10.50 7.46 -29.01
N ALA B 32 10.79 8.68 -29.45
CA ALA B 32 11.88 9.45 -28.85
C ALA B 32 11.45 10.02 -27.49
N VAL B 33 12.10 9.55 -26.44
CA VAL B 33 11.79 10.02 -25.10
C VAL B 33 12.91 10.89 -24.56
N SER B 34 12.54 12.03 -23.98
CA SER B 34 13.51 12.94 -23.39
C SER B 34 13.42 12.84 -21.88
N VAL B 35 14.57 12.64 -21.25
CA VAL B 35 14.64 12.47 -19.81
C VAL B 35 15.69 13.42 -19.24
N SER B 36 15.31 14.17 -18.22
CA SER B 36 16.24 15.09 -17.57
C SER B 36 15.80 15.31 -16.14
N LEU B 37 16.74 15.16 -15.22
CA LEU B 37 16.43 15.32 -13.82
C LEU B 37 16.76 16.70 -13.30
N LYS B 38 15.91 17.19 -12.41
CA LYS B 38 16.09 18.49 -11.76
C LYS B 38 16.11 18.17 -10.26
N PHE B 39 17.31 18.13 -9.70
CA PHE B 39 17.46 17.79 -8.28
C PHE B 39 16.84 18.83 -7.36
N ILE B 40 16.11 18.32 -6.37
CA ILE B 40 15.45 19.19 -5.40
C ILE B 40 16.04 19.04 -4.01
N ASN B 41 16.51 17.84 -3.68
CA ASN B 41 17.09 17.62 -2.37
C ASN B 41 17.93 16.33 -2.33
N ILE B 42 18.83 16.27 -1.36
CA ILE B 42 19.68 15.12 -1.09
C ILE B 42 19.41 14.97 0.41
N LEU B 43 18.78 13.86 0.79
CA LEU B 43 18.35 13.68 2.17
C LEU B 43 19.11 12.80 3.15
N GLU B 44 19.63 11.67 2.68
CA GLU B 44 20.34 10.80 3.59
C GLU B 44 21.44 10.05 2.90
N VAL B 45 22.65 10.54 3.06
CA VAL B 45 23.81 9.91 2.44
C VAL B 45 24.47 8.97 3.45
N ASN B 46 25.16 7.97 2.92
CA ASN B 46 25.86 6.99 3.76
C ASN B 46 27.09 6.55 2.99
N GLU B 47 28.24 7.11 3.34
CA GLU B 47 29.49 6.80 2.65
C GLU B 47 29.91 5.35 2.84
N ILE B 48 29.64 4.79 4.01
CA ILE B 48 30.01 3.41 4.31
C ILE B 48 29.26 2.39 3.47
N THR B 49 27.98 2.65 3.18
CA THR B 49 27.19 1.73 2.39
C THR B 49 27.05 2.14 0.93
N ASN B 50 27.51 3.34 0.60
CA ASN B 50 27.40 3.87 -0.76
C ASN B 50 25.93 3.94 -1.21
N GLU B 51 25.10 4.53 -0.35
CA GLU B 51 23.68 4.70 -0.64
C GLU B 51 23.26 6.14 -0.39
N VAL B 52 22.31 6.62 -1.19
CA VAL B 52 21.81 7.98 -1.04
C VAL B 52 20.32 8.07 -1.32
N ASP B 53 19.68 9.07 -0.71
CA ASP B 53 18.27 9.35 -0.86
C ASP B 53 18.17 10.67 -1.60
N VAL B 54 17.59 10.64 -2.79
CA VAL B 54 17.46 11.85 -3.59
C VAL B 54 15.99 12.16 -3.88
N VAL B 55 15.72 13.44 -4.11
CA VAL B 55 14.39 13.93 -4.46
C VAL B 55 14.64 14.74 -5.72
N PHE B 56 13.94 14.40 -6.79
CA PHE B 56 14.13 15.07 -8.06
C PHE B 56 12.89 15.07 -8.93
N TRP B 57 12.82 16.03 -9.84
CA TRP B 57 11.73 16.12 -10.80
C TRP B 57 12.23 15.32 -12.00
N GLN B 58 11.41 14.40 -12.51
CA GLN B 58 11.82 13.59 -13.65
C GLN B 58 11.10 14.04 -14.92
N ARG B 59 11.55 15.16 -15.47
CA ARG B 59 10.98 15.73 -16.68
C ARG B 59 11.02 14.70 -17.81
N THR B 60 9.84 14.29 -18.27
CA THR B 60 9.75 13.28 -19.31
C THR B 60 8.78 13.74 -20.40
N THR B 61 9.25 13.72 -21.66
CA THR B 61 8.42 14.16 -22.78
C THR B 61 8.55 13.25 -23.98
N TRP B 62 7.44 13.09 -24.70
CA TRP B 62 7.41 12.26 -25.88
C TRP B 62 6.18 12.66 -26.68
N SER B 63 6.12 12.20 -27.93
CA SER B 63 4.98 12.53 -28.79
C SER B 63 4.09 11.31 -28.90
N ASP B 64 2.80 11.55 -29.01
CA ASP B 64 1.84 10.49 -29.18
C ASP B 64 0.74 11.06 -30.06
N ARG B 65 0.78 10.72 -31.34
CA ARG B 65 -0.20 11.19 -32.32
C ARG B 65 -1.62 10.81 -31.97
N THR B 66 -1.82 9.56 -31.54
CA THR B 66 -3.14 9.06 -31.19
C THR B 66 -3.90 9.93 -30.18
N LEU B 67 -3.24 10.99 -29.70
CA LEU B 67 -3.86 11.89 -28.73
C LEU B 67 -4.21 13.23 -29.38
N ALA B 68 -3.46 13.62 -30.42
CA ALA B 68 -3.68 14.88 -31.10
C ALA B 68 -5.15 15.18 -31.37
N TRP B 69 -5.53 16.45 -31.21
CA TRP B 69 -6.90 16.87 -31.44
C TRP B 69 -6.91 18.27 -32.07
N ASP B 70 -8.03 18.62 -32.69
CA ASP B 70 -8.17 19.93 -33.33
C ASP B 70 -8.52 21.01 -32.31
N SER B 71 -7.54 21.88 -32.01
CA SER B 71 -7.75 22.94 -31.04
C SER B 71 -7.96 24.30 -31.70
N SER B 72 -8.54 24.29 -32.90
CA SER B 72 -8.79 25.53 -33.62
C SER B 72 -9.67 26.45 -32.77
N HIS B 73 -10.72 25.87 -32.18
CA HIS B 73 -11.66 26.61 -31.35
C HIS B 73 -11.94 25.83 -30.06
N SER B 74 -10.87 25.52 -29.32
CA SER B 74 -10.98 24.77 -28.07
C SER B 74 -9.63 24.75 -27.35
N PRO B 75 -9.63 24.44 -26.04
CA PRO B 75 -8.37 24.39 -25.28
C PRO B 75 -7.34 23.52 -26.01
N ASP B 76 -6.10 23.99 -26.08
CA ASP B 76 -5.06 23.24 -26.78
C ASP B 76 -4.11 22.49 -25.85
N GLN B 77 -4.49 22.40 -24.58
CA GLN B 77 -3.65 21.72 -23.60
C GLN B 77 -4.49 21.37 -22.38
N VAL B 78 -4.28 20.17 -21.83
CA VAL B 78 -5.01 19.73 -20.66
C VAL B 78 -4.18 18.81 -19.78
N SER B 79 -4.60 18.69 -18.52
CA SER B 79 -3.95 17.81 -17.56
C SER B 79 -4.73 16.51 -17.64
N VAL B 80 -4.02 15.39 -17.77
CA VAL B 80 -4.64 14.08 -17.90
C VAL B 80 -3.96 13.07 -16.96
N PRO B 81 -4.76 12.21 -16.29
CA PRO B 81 -4.12 11.25 -15.40
C PRO B 81 -3.32 10.24 -16.23
N ILE B 82 -2.10 9.94 -15.79
CA ILE B 82 -1.25 9.02 -16.54
C ILE B 82 -1.88 7.65 -16.79
N SER B 83 -2.81 7.23 -15.92
CA SER B 83 -3.47 5.94 -16.11
C SER B 83 -4.30 5.96 -17.39
N SER B 84 -4.48 7.12 -17.98
CA SER B 84 -5.24 7.20 -19.21
C SER B 84 -4.33 7.35 -20.41
N LEU B 85 -3.03 7.31 -20.18
CA LEU B 85 -2.08 7.47 -21.26
C LEU B 85 -0.99 6.43 -21.28
N TRP B 86 -0.38 6.27 -22.45
CA TRP B 86 0.75 5.38 -22.54
C TRP B 86 1.87 6.23 -21.99
N VAL B 87 2.68 5.65 -21.11
CA VAL B 87 3.80 6.33 -20.51
C VAL B 87 5.00 5.42 -20.69
N PRO B 88 6.18 5.96 -21.00
CA PRO B 88 7.33 5.08 -21.16
C PRO B 88 7.66 4.34 -19.86
N ASP B 89 8.08 3.08 -19.98
CA ASP B 89 8.40 2.25 -18.82
C ASP B 89 9.80 2.47 -18.30
N LEU B 90 10.12 3.68 -17.87
CA LEU B 90 11.44 4.01 -17.36
C LEU B 90 11.71 3.43 -15.98
N ALA B 91 12.96 3.09 -15.73
CA ALA B 91 13.39 2.57 -14.44
C ALA B 91 14.84 3.02 -14.24
N ALA B 92 15.23 3.21 -12.99
CA ALA B 92 16.60 3.60 -12.67
C ALA B 92 17.30 2.29 -12.35
N TYR B 93 18.33 1.96 -13.14
CA TYR B 93 19.07 0.72 -12.95
C TYR B 93 19.68 0.52 -11.56
N ASN B 94 20.21 1.59 -10.98
CA ASN B 94 20.85 1.46 -9.68
C ASN B 94 20.03 1.95 -8.49
N ALA B 95 18.72 2.01 -8.67
CA ALA B 95 17.83 2.41 -7.59
C ALA B 95 17.60 1.18 -6.73
N ILE B 96 17.65 1.35 -5.40
CA ILE B 96 17.42 0.24 -4.51
C ILE B 96 16.08 0.32 -3.78
N SER B 97 15.16 1.14 -4.28
CA SER B 97 13.82 1.24 -3.71
C SER B 97 12.88 1.67 -4.82
N LYS B 98 11.59 1.38 -4.67
CA LYS B 98 10.62 1.78 -5.69
C LYS B 98 10.56 3.29 -5.66
N PRO B 99 10.34 3.92 -6.82
CA PRO B 99 10.28 5.39 -6.74
C PRO B 99 9.05 5.79 -5.93
N GLU B 100 9.19 6.81 -5.07
CA GLU B 100 8.08 7.31 -4.27
C GLU B 100 7.61 8.58 -4.99
N VAL B 101 6.48 8.49 -5.67
CA VAL B 101 5.96 9.64 -6.42
C VAL B 101 5.20 10.54 -5.45
N LEU B 102 5.78 11.72 -5.20
CA LEU B 102 5.23 12.70 -4.26
C LEU B 102 4.14 13.62 -4.81
N THR B 103 4.04 13.72 -6.12
CA THR B 103 3.07 14.64 -6.71
C THR B 103 1.90 13.98 -7.43
N PRO B 104 0.84 14.75 -7.72
CA PRO B 104 -0.34 14.22 -8.42
C PRO B 104 0.12 13.65 -9.75
N GLN B 105 -0.29 12.41 -10.05
CA GLN B 105 0.14 11.74 -11.27
C GLN B 105 -0.64 12.17 -12.50
N LEU B 106 -0.40 13.41 -12.90
CA LEU B 106 -1.05 14.00 -14.05
C LEU B 106 0.02 14.46 -15.02
N ALA B 107 -0.28 14.32 -16.30
CA ALA B 107 0.63 14.78 -17.34
C ALA B 107 -0.13 15.86 -18.11
N ARG B 108 0.61 16.67 -18.85
CA ARG B 108 -0.01 17.71 -19.66
C ARG B 108 0.05 17.20 -21.11
N VAL B 109 -1.07 17.28 -21.82
CA VAL B 109 -1.13 16.85 -23.21
C VAL B 109 -1.53 18.03 -24.11
N VAL B 110 -0.72 18.29 -25.13
CA VAL B 110 -0.98 19.39 -26.05
C VAL B 110 -1.77 18.86 -27.25
N SER B 111 -2.50 19.74 -27.91
CA SER B 111 -3.34 19.35 -29.06
C SER B 111 -2.57 18.67 -30.18
N ASP B 112 -1.25 18.92 -30.23
CA ASP B 112 -0.40 18.31 -31.26
C ASP B 112 0.12 16.93 -30.81
N GLY B 113 -0.35 16.46 -29.67
CA GLY B 113 0.07 15.15 -29.20
C GLY B 113 1.31 15.15 -28.33
N GLU B 114 1.94 16.31 -28.16
CA GLU B 114 3.12 16.38 -27.29
C GLU B 114 2.65 16.13 -25.86
N VAL B 115 3.40 15.30 -25.15
CA VAL B 115 3.07 14.97 -23.77
C VAL B 115 4.21 15.34 -22.84
N LEU B 116 3.87 15.85 -21.66
CA LEU B 116 4.85 16.18 -20.66
C LEU B 116 4.40 15.53 -19.35
N TYR B 117 5.33 14.85 -18.70
CA TYR B 117 5.06 14.21 -17.43
C TYR B 117 6.29 14.44 -16.59
N MET B 118 6.12 15.19 -15.50
CA MET B 118 7.25 15.51 -14.65
C MET B 118 6.94 15.31 -13.18
N PRO B 119 7.00 14.07 -12.72
CA PRO B 119 6.71 13.80 -11.31
C PRO B 119 7.92 14.10 -10.43
N SER B 120 7.65 14.55 -9.21
CA SER B 120 8.73 14.80 -8.25
C SER B 120 8.83 13.47 -7.52
N ILE B 121 10.01 12.86 -7.58
CA ILE B 121 10.22 11.56 -6.97
C ILE B 121 11.29 11.53 -5.90
N ARG B 122 11.07 10.70 -4.89
CA ARG B 122 12.07 10.50 -3.86
C ARG B 122 12.45 9.03 -4.04
N GLN B 123 13.74 8.76 -4.15
CA GLN B 123 14.19 7.40 -4.40
C GLN B 123 15.58 7.15 -3.81
N ARG B 124 15.88 5.90 -3.46
CA ARG B 124 17.19 5.57 -2.91
C ARG B 124 18.04 4.87 -3.95
N PHE B 125 19.30 5.26 -4.04
CA PHE B 125 20.22 4.69 -5.03
C PHE B 125 21.52 4.14 -4.46
N SER B 126 22.08 3.22 -5.23
CA SER B 126 23.35 2.60 -4.90
C SER B 126 24.31 3.29 -5.85
N CYS B 127 25.23 4.08 -5.30
CA CYS B 127 26.21 4.78 -6.13
C CYS B 127 27.44 5.13 -5.29
N ASP B 128 28.43 5.73 -5.94
CA ASP B 128 29.66 6.09 -5.28
C ASP B 128 29.50 7.35 -4.43
N VAL B 129 29.56 7.18 -3.10
CA VAL B 129 29.43 8.31 -2.20
C VAL B 129 30.79 8.66 -1.58
N SER B 130 31.84 7.97 -2.05
CA SER B 130 33.18 8.21 -1.55
C SER B 130 33.59 9.68 -1.75
N GLY B 131 34.00 10.32 -0.65
CA GLY B 131 34.44 11.70 -0.71
C GLY B 131 33.39 12.77 -0.53
N VAL B 132 32.15 12.38 -0.21
CA VAL B 132 31.10 13.37 -0.04
C VAL B 132 31.53 14.43 0.98
N ASP B 133 32.45 14.04 1.85
CA ASP B 133 32.96 14.95 2.89
C ASP B 133 34.31 15.58 2.55
N THR B 134 34.52 15.92 1.29
CA THR B 134 35.77 16.55 0.88
C THR B 134 35.41 17.75 0.03
N GLU B 135 36.43 18.44 -0.48
CA GLU B 135 36.21 19.62 -1.30
C GLU B 135 35.78 19.20 -2.71
N SER B 136 36.42 18.19 -3.26
CA SER B 136 36.09 17.72 -4.60
C SER B 136 34.69 17.11 -4.54
N GLY B 137 34.38 16.45 -3.42
CA GLY B 137 33.07 15.85 -3.23
C GLY B 137 32.92 14.42 -3.74
N ALA B 138 31.67 14.01 -3.92
CA ALA B 138 31.35 12.68 -4.42
C ALA B 138 30.56 12.81 -5.72
N THR B 139 30.60 11.78 -6.54
CA THR B 139 29.86 11.80 -7.80
C THR B 139 28.99 10.53 -7.86
N CYS B 140 27.68 10.73 -7.70
CA CYS B 140 26.71 9.64 -7.73
C CYS B 140 26.06 9.63 -9.10
N ARG B 141 26.34 8.60 -9.89
N ARG B 141 26.35 8.62 -9.91
CA ARG B 141 25.77 8.48 -11.23
CA ARG B 141 25.78 8.53 -11.25
C ARG B 141 24.46 7.72 -11.17
C ARG B 141 24.49 7.69 -11.26
N ILE B 142 23.44 8.23 -11.85
CA ILE B 142 22.14 7.57 -11.90
C ILE B 142 21.78 7.25 -13.34
N LYS B 143 21.52 5.97 -13.62
CA LYS B 143 21.16 5.55 -14.97
C LYS B 143 19.68 5.23 -15.10
N ILE B 144 19.05 5.84 -16.09
CA ILE B 144 17.63 5.63 -16.33
C ILE B 144 17.36 5.28 -17.78
N GLY B 145 16.56 4.25 -18.00
CA GLY B 145 16.23 3.87 -19.36
C GLY B 145 14.98 3.02 -19.36
N SER B 146 14.48 2.71 -20.55
CA SER B 146 13.29 1.88 -20.68
C SER B 146 13.65 0.51 -20.12
N TRP B 147 12.71 -0.11 -19.43
CA TRP B 147 12.98 -1.42 -18.87
C TRP B 147 12.81 -2.52 -19.91
N THR B 148 11.73 -2.46 -20.70
CA THR B 148 11.47 -3.52 -21.68
C THR B 148 11.53 -3.15 -23.15
N HIS B 149 11.64 -1.87 -23.46
CA HIS B 149 11.72 -1.48 -24.86
C HIS B 149 13.16 -1.18 -25.25
N HIS B 150 13.70 -1.95 -26.18
CA HIS B 150 15.08 -1.76 -26.64
C HIS B 150 15.17 -0.57 -27.59
N SER B 151 16.38 -0.26 -28.07
CA SER B 151 16.63 0.89 -28.94
C SER B 151 15.73 1.17 -30.14
N ARG B 152 15.19 0.13 -30.78
CA ARG B 152 14.34 0.35 -31.94
C ARG B 152 12.91 0.73 -31.59
N GLU B 153 12.54 0.60 -30.32
CA GLU B 153 11.18 0.93 -29.92
C GLU B 153 11.16 2.20 -29.08
N ILE B 154 12.19 2.37 -28.24
CA ILE B 154 12.30 3.57 -27.42
C ILE B 154 13.74 4.06 -27.41
N SER B 155 13.90 5.35 -27.69
CA SER B 155 15.23 5.97 -27.65
C SER B 155 15.14 7.02 -26.55
N VAL B 156 16.21 7.18 -25.78
CA VAL B 156 16.21 8.15 -24.70
C VAL B 156 17.42 9.08 -24.82
N ASP B 157 17.21 10.36 -24.60
CA ASP B 157 18.31 11.32 -24.67
C ASP B 157 18.12 12.48 -23.68
N PRO B 158 19.22 13.02 -23.17
CA PRO B 158 19.14 14.13 -22.21
C PRO B 158 18.54 15.36 -22.88
N THR B 159 17.61 16.01 -22.18
CA THR B 159 16.97 17.20 -22.70
C THR B 159 18.02 18.25 -23.02
N THR B 160 17.73 19.10 -23.99
CA THR B 160 18.63 20.17 -24.39
C THR B 160 18.71 21.21 -23.26
N GLU B 161 17.58 21.41 -22.58
CA GLU B 161 17.48 22.37 -21.47
C GLU B 161 18.64 22.18 -20.50
N ASN B 162 19.16 23.30 -19.99
CA ASN B 162 20.27 23.26 -19.05
C ASN B 162 20.15 24.38 -18.00
N SER B 163 19.09 24.32 -17.21
CA SER B 163 18.85 25.31 -16.17
C SER B 163 19.98 25.30 -15.14
N ASP B 164 19.83 26.13 -14.12
CA ASP B 164 20.83 26.19 -13.05
C ASP B 164 20.75 24.85 -12.32
N ASP B 165 21.86 24.12 -12.28
CA ASP B 165 21.91 22.80 -11.63
C ASP B 165 21.05 22.74 -10.38
N SER B 166 21.16 23.75 -9.53
CA SER B 166 20.39 23.80 -8.30
C SER B 166 19.41 24.96 -8.30
N GLU B 167 18.81 25.23 -9.46
CA GLU B 167 17.84 26.32 -9.55
C GLU B 167 16.59 26.00 -8.76
N TYR B 168 16.40 24.72 -8.46
CA TYR B 168 15.23 24.29 -7.71
C TYR B 168 15.66 23.54 -6.46
N PHE B 169 16.97 23.29 -6.34
CA PHE B 169 17.52 22.57 -5.19
C PHE B 169 17.29 23.29 -3.87
N SER B 170 16.95 22.52 -2.84
CA SER B 170 16.69 23.08 -1.52
C SER B 170 17.91 23.71 -0.86
N GLN B 171 17.77 24.98 -0.48
CA GLN B 171 18.84 25.70 0.18
C GLN B 171 19.03 25.16 1.59
N TYR B 172 18.05 24.40 2.08
CA TYR B 172 18.12 23.87 3.43
C TYR B 172 18.74 22.48 3.58
N SER B 173 19.09 21.87 2.46
CA SER B 173 19.72 20.55 2.50
C SER B 173 21.07 20.63 3.19
N ARG B 174 21.55 19.51 3.72
CA ARG B 174 22.86 19.46 4.37
C ARG B 174 23.91 19.36 3.27
N PHE B 175 23.46 19.25 2.03
CA PHE B 175 24.38 19.12 0.91
C PHE B 175 24.20 20.22 -0.12
N GLU B 176 25.19 20.36 -0.99
CA GLU B 176 25.14 21.36 -2.05
C GLU B 176 25.58 20.69 -3.34
N ILE B 177 25.00 21.12 -4.45
CA ILE B 177 25.33 20.55 -5.74
C ILE B 177 26.49 21.27 -6.40
N LEU B 178 27.57 20.55 -6.64
CA LEU B 178 28.75 21.12 -7.26
C LEU B 178 28.56 21.18 -8.77
N ASP B 179 28.02 20.10 -9.33
CA ASP B 179 27.77 20.05 -10.77
C ASP B 179 26.95 18.84 -11.19
N VAL B 180 26.24 18.98 -12.30
CA VAL B 180 25.41 17.90 -12.83
C VAL B 180 25.58 17.76 -14.33
N THR B 181 26.02 16.59 -14.78
CA THR B 181 26.19 16.35 -16.20
C THR B 181 25.35 15.16 -16.65
N GLN B 182 24.81 15.26 -17.86
CA GLN B 182 24.00 14.18 -18.40
C GLN B 182 24.73 13.60 -19.61
N LYS B 183 24.54 12.30 -19.84
CA LYS B 183 25.22 11.60 -20.93
C LYS B 183 24.40 10.39 -21.42
N LYS B 184 24.06 10.38 -22.71
CA LYS B 184 23.27 9.29 -23.28
C LYS B 184 24.13 8.05 -23.53
N ASN B 185 23.50 6.87 -23.51
CA ASN B 185 24.21 5.61 -23.74
C ASN B 185 23.35 4.62 -24.52
N SER B 186 24.00 3.67 -25.18
CA SER B 186 23.31 2.62 -25.95
C SER B 186 24.08 1.36 -25.60
N VAL B 187 23.46 0.49 -24.80
CA VAL B 187 24.13 -0.71 -24.35
C VAL B 187 23.49 -2.05 -24.70
N THR B 188 24.35 -3.03 -24.94
CA THR B 188 23.92 -4.38 -25.25
C THR B 188 24.40 -5.24 -24.07
N TYR B 189 23.47 -5.95 -23.44
CA TYR B 189 23.79 -6.81 -22.31
C TYR B 189 23.75 -8.25 -22.80
N SER B 190 24.55 -9.11 -22.18
CA SER B 190 24.60 -10.52 -22.58
C SER B 190 23.27 -11.25 -22.44
N CYS B 191 22.40 -10.75 -21.56
CA CYS B 191 21.09 -11.35 -21.33
C CYS B 191 20.19 -11.24 -22.52
N CYS B 192 20.42 -10.18 -23.25
CA CYS B 192 19.52 -9.88 -24.31
C CYS B 192 20.21 -9.47 -25.61
N PRO B 193 19.63 -9.84 -26.77
CA PRO B 193 20.18 -9.54 -28.10
C PRO B 193 20.11 -8.09 -28.55
N GLU B 194 19.09 -7.35 -28.12
CA GLU B 194 18.91 -5.96 -28.53
C GLU B 194 19.66 -4.99 -27.62
N ALA B 195 19.77 -3.74 -28.07
CA ALA B 195 20.45 -2.73 -27.25
C ALA B 195 19.42 -1.85 -26.55
N TYR B 196 19.72 -1.43 -25.32
CA TYR B 196 18.82 -0.59 -24.58
C TYR B 196 19.48 0.74 -24.31
N GLU B 197 18.72 1.82 -24.49
CA GLU B 197 19.29 3.14 -24.27
C GLU B 197 19.03 3.60 -22.86
N ASP B 198 19.91 4.45 -22.36
CA ASP B 198 19.77 5.00 -21.02
C ASP B 198 20.45 6.36 -20.97
N VAL B 199 20.05 7.15 -19.99
CA VAL B 199 20.65 8.44 -19.80
C VAL B 199 21.28 8.35 -18.42
N GLU B 200 22.56 8.63 -18.37
CA GLU B 200 23.31 8.59 -17.13
C GLU B 200 23.45 10.04 -16.62
N VAL B 201 23.00 10.27 -15.40
CA VAL B 201 23.09 11.59 -14.81
C VAL B 201 24.11 11.54 -13.69
N SER B 202 25.13 12.39 -13.78
CA SER B 202 26.19 12.40 -12.77
C SER B 202 26.03 13.56 -11.81
N LEU B 203 25.76 13.23 -10.54
CA LEU B 203 25.57 14.23 -9.51
C LEU B 203 26.81 14.38 -8.61
N ASN B 204 27.53 15.48 -8.82
CA ASN B 204 28.72 15.78 -8.04
C ASN B 204 28.20 16.69 -6.93
N PHE B 205 28.30 16.24 -5.68
CA PHE B 205 27.81 17.03 -4.55
C PHE B 205 28.69 16.75 -3.34
N ARG B 206 28.56 17.58 -2.31
CA ARG B 206 29.35 17.39 -1.10
C ARG B 206 28.63 17.97 0.11
N LYS B 207 29.01 17.53 1.30
CA LYS B 207 28.42 18.03 2.53
C LYS B 207 28.84 19.51 2.66
N LYS B 208 27.94 20.36 3.16
CA LYS B 208 28.26 21.78 3.32
C LYS B 208 29.27 22.01 4.43
N GLY B 209 30.00 23.12 4.34
CA GLY B 209 30.99 23.44 5.35
C GLY B 209 31.85 24.63 4.97
N ALA C 4 -2.51 -7.64 -42.30
CA ALA C 4 -1.76 -6.48 -41.71
C ALA C 4 -2.16 -6.22 -40.25
N ALA C 5 -1.21 -6.34 -39.32
CA ALA C 5 -1.50 -6.12 -37.91
C ALA C 5 -0.49 -5.21 -37.19
N ASP C 6 -1.00 -4.32 -36.34
CA ASP C 6 -0.14 -3.42 -35.56
C ASP C 6 -0.13 -3.83 -34.10
N ARG C 7 0.66 -3.13 -33.28
CA ARG C 7 0.76 -3.46 -31.86
C ARG C 7 -0.58 -3.41 -31.14
N ALA C 8 -1.42 -2.46 -31.51
CA ALA C 8 -2.72 -2.32 -30.89
C ALA C 8 -3.56 -3.58 -31.10
N ASP C 9 -3.50 -4.14 -32.31
CA ASP C 9 -4.28 -5.35 -32.59
C ASP C 9 -3.79 -6.49 -31.69
N ILE C 10 -2.48 -6.72 -31.70
CA ILE C 10 -1.85 -7.78 -30.94
C ILE C 10 -2.17 -7.70 -29.43
N LEU C 11 -1.90 -6.54 -28.83
CA LEU C 11 -2.15 -6.37 -27.41
C LEU C 11 -3.62 -6.60 -27.07
N TYR C 12 -4.52 -6.18 -27.95
CA TYR C 12 -5.94 -6.38 -27.68
C TYR C 12 -6.27 -7.88 -27.77
N ASN C 13 -5.71 -8.55 -28.77
CA ASN C 13 -5.97 -9.99 -28.94
C ASN C 13 -5.38 -10.75 -27.75
N ILE C 14 -4.15 -10.41 -27.35
CA ILE C 14 -3.53 -11.07 -26.20
C ILE C 14 -4.43 -10.93 -24.97
N ARG C 15 -4.87 -9.71 -24.70
CA ARG C 15 -5.73 -9.46 -23.55
C ARG C 15 -7.10 -10.14 -23.67
N GLN C 16 -7.53 -10.45 -24.88
CA GLN C 16 -8.81 -11.11 -25.09
C GLN C 16 -8.73 -12.63 -24.99
N THR C 17 -7.59 -13.20 -25.36
CA THR C 17 -7.47 -14.67 -25.32
C THR C 17 -6.75 -15.19 -24.08
N SER C 18 -5.80 -14.41 -23.58
CA SER C 18 -5.05 -14.79 -22.39
C SER C 18 -5.94 -14.96 -21.16
N ARG C 19 -5.73 -16.05 -20.43
N ARG C 19 -5.76 -16.04 -20.43
CA ARG C 19 -6.48 -16.36 -19.22
CA ARG C 19 -6.53 -16.29 -19.22
C ARG C 19 -5.51 -16.32 -18.03
C ARG C 19 -5.57 -16.31 -18.03
N PRO C 20 -5.43 -15.16 -17.34
CA PRO C 20 -4.55 -14.97 -16.18
C PRO C 20 -4.68 -15.98 -15.03
N ASP C 21 -5.86 -16.57 -14.88
CA ASP C 21 -6.07 -17.52 -13.80
C ASP C 21 -6.11 -18.97 -14.26
N VAL C 22 -5.73 -19.21 -15.52
CA VAL C 22 -5.70 -20.55 -16.07
C VAL C 22 -4.30 -20.93 -16.53
N ILE C 23 -3.66 -21.86 -15.83
CA ILE C 23 -2.32 -22.30 -16.21
C ILE C 23 -2.44 -22.88 -17.63
N PRO C 24 -1.62 -22.38 -18.58
CA PRO C 24 -1.64 -22.82 -19.97
C PRO C 24 -0.96 -24.15 -20.26
N THR C 25 -1.37 -25.21 -19.57
CA THR C 25 -0.77 -26.52 -19.78
C THR C 25 -1.19 -27.02 -21.16
N GLN C 26 -0.24 -27.58 -21.90
CA GLN C 26 -0.55 -28.09 -23.22
C GLN C 26 -0.76 -29.59 -23.09
N ARG C 27 -1.91 -30.07 -23.56
CA ARG C 27 -2.26 -31.47 -23.46
C ARG C 27 -2.23 -31.84 -21.99
N ASP C 28 -1.40 -32.79 -21.59
CA ASP C 28 -1.35 -33.14 -20.18
C ASP C 28 0.05 -33.05 -19.58
N ARG C 29 0.87 -32.19 -20.18
CA ARG C 29 2.23 -31.98 -19.70
C ARG C 29 2.28 -30.70 -18.88
N PRO C 30 3.27 -30.59 -17.97
CA PRO C 30 3.40 -29.39 -17.14
C PRO C 30 4.01 -28.23 -17.91
N VAL C 31 3.74 -27.02 -17.44
CA VAL C 31 4.31 -25.84 -18.06
C VAL C 31 5.76 -25.79 -17.58
N ALA C 32 6.69 -25.78 -18.54
CA ALA C 32 8.11 -25.73 -18.22
C ALA C 32 8.54 -24.29 -18.02
N VAL C 33 8.82 -23.94 -16.77
CA VAL C 33 9.24 -22.59 -16.41
C VAL C 33 10.74 -22.57 -16.15
N SER C 34 11.45 -21.59 -16.72
CA SER C 34 12.88 -21.45 -16.48
C SER C 34 13.10 -20.26 -15.55
N VAL C 35 13.94 -20.45 -14.54
CA VAL C 35 14.24 -19.41 -13.57
C VAL C 35 15.73 -19.29 -13.32
N SER C 36 16.23 -18.06 -13.38
CA SER C 36 17.64 -17.77 -13.12
C SER C 36 17.69 -16.37 -12.52
N LEU C 37 18.63 -16.15 -11.62
CA LEU C 37 18.76 -14.86 -10.98
C LEU C 37 20.05 -14.19 -11.41
N LYS C 38 19.97 -12.88 -11.58
CA LYS C 38 21.12 -12.06 -11.96
C LYS C 38 21.23 -11.08 -10.80
N PHE C 39 22.24 -11.28 -9.96
CA PHE C 39 22.44 -10.44 -8.79
C PHE C 39 22.94 -9.05 -9.13
N ILE C 40 22.21 -8.06 -8.61
CA ILE C 40 22.49 -6.66 -8.84
C ILE C 40 23.17 -6.03 -7.64
N ASN C 41 22.79 -6.44 -6.44
CA ASN C 41 23.38 -5.86 -5.24
C ASN C 41 23.17 -6.72 -4.00
N ILE C 42 23.93 -6.41 -2.95
CA ILE C 42 23.82 -7.08 -1.65
C ILE C 42 23.90 -5.87 -0.73
N LEU C 43 22.73 -5.49 -0.20
CA LEU C 43 22.57 -4.30 0.62
C LEU C 43 22.69 -4.38 2.14
N GLU C 44 22.20 -5.48 2.70
CA GLU C 44 22.26 -5.64 4.14
C GLU C 44 22.65 -7.08 4.43
N VAL C 45 23.55 -7.25 5.38
CA VAL C 45 24.00 -8.57 5.75
C VAL C 45 24.15 -8.59 7.26
N ASN C 46 23.61 -9.63 7.87
CA ASN C 46 23.68 -9.77 9.31
C ASN C 46 24.07 -11.20 9.59
N GLU C 47 25.33 -11.39 9.97
CA GLU C 47 25.86 -12.71 10.26
C GLU C 47 25.29 -13.26 11.56
N ILE C 48 24.85 -12.36 12.44
CA ILE C 48 24.28 -12.76 13.72
C ILE C 48 22.89 -13.39 13.55
N THR C 49 22.07 -12.76 12.70
CA THR C 49 20.70 -13.23 12.46
C THR C 49 20.58 -14.12 11.23
N ASN C 50 21.63 -14.19 10.43
CA ASN C 50 21.62 -14.96 9.20
C ASN C 50 20.51 -14.42 8.27
N GLU C 51 20.54 -13.11 8.05
CA GLU C 51 19.58 -12.45 7.19
C GLU C 51 20.31 -11.54 6.21
N VAL C 52 19.89 -11.54 4.95
CA VAL C 52 20.51 -10.70 3.94
C VAL C 52 19.44 -9.98 3.14
N ASP C 53 19.82 -8.84 2.56
CA ASP C 53 18.92 -8.03 1.76
C ASP C 53 19.56 -7.99 0.38
N VAL C 54 18.94 -8.64 -0.61
CA VAL C 54 19.51 -8.64 -1.96
C VAL C 54 18.61 -8.05 -3.04
N VAL C 55 19.23 -7.64 -4.14
CA VAL C 55 18.53 -7.07 -5.30
C VAL C 55 18.93 -7.94 -6.49
N PHE C 56 17.95 -8.43 -7.24
CA PHE C 56 18.24 -9.31 -8.37
C PHE C 56 17.16 -9.33 -9.44
N TRP C 57 17.59 -9.61 -10.67
CA TRP C 57 16.67 -9.72 -11.79
C TRP C 57 16.27 -11.18 -11.79
N GLN C 58 14.97 -11.43 -11.64
CA GLN C 58 14.48 -12.79 -11.64
C GLN C 58 13.98 -13.09 -13.05
N ARG C 59 14.87 -13.59 -13.88
CA ARG C 59 14.57 -13.93 -15.26
C ARG C 59 13.68 -15.17 -15.27
N THR C 60 12.49 -15.03 -15.85
CA THR C 60 11.52 -16.12 -15.88
C THR C 60 10.94 -16.29 -17.29
N THR C 61 11.02 -17.50 -17.83
CA THR C 61 10.50 -17.78 -19.16
C THR C 61 9.61 -19.03 -19.19
N TRP C 62 8.63 -19.01 -20.08
CA TRP C 62 7.71 -20.14 -20.27
C TRP C 62 6.95 -19.90 -21.57
N SER C 63 6.23 -20.93 -22.02
CA SER C 63 5.45 -20.87 -23.26
C SER C 63 3.96 -20.88 -23.00
N ASP C 64 3.21 -20.24 -23.91
CA ASP C 64 1.75 -20.19 -23.86
C ASP C 64 1.35 -20.10 -25.34
N ARG C 65 1.25 -21.26 -25.98
CA ARG C 65 0.92 -21.35 -27.39
C ARG C 65 -0.30 -20.59 -27.87
N THR C 66 -1.29 -20.44 -26.99
CA THR C 66 -2.51 -19.73 -27.35
C THR C 66 -2.26 -18.26 -27.65
N LEU C 67 -1.13 -17.75 -27.20
CA LEU C 67 -0.80 -16.34 -27.41
C LEU C 67 -0.13 -16.10 -28.75
N ALA C 68 0.25 -17.17 -29.44
CA ALA C 68 0.92 -17.04 -30.72
C ALA C 68 0.06 -16.31 -31.74
N TRP C 69 0.72 -15.69 -32.72
CA TRP C 69 0.02 -14.98 -33.78
C TRP C 69 0.99 -14.91 -34.97
N ASP C 70 0.44 -14.86 -36.18
CA ASP C 70 1.26 -14.80 -37.38
C ASP C 70 1.91 -13.43 -37.50
N SER C 71 3.24 -13.40 -37.37
CA SER C 71 3.98 -12.15 -37.44
C SER C 71 4.62 -11.91 -38.81
N SER C 72 4.04 -12.49 -39.85
CA SER C 72 4.57 -12.30 -41.19
C SER C 72 4.43 -10.83 -41.58
N HIS C 73 3.23 -10.29 -41.40
CA HIS C 73 2.96 -8.89 -41.73
C HIS C 73 2.68 -8.04 -40.49
N SER C 74 3.43 -8.27 -39.42
CA SER C 74 3.26 -7.52 -38.17
C SER C 74 4.40 -7.76 -37.18
N PRO C 75 4.47 -6.94 -36.11
CA PRO C 75 5.52 -7.08 -35.08
C PRO C 75 5.49 -8.47 -34.45
N ASP C 76 6.67 -9.02 -34.14
CA ASP C 76 6.75 -10.35 -33.55
C ASP C 76 7.10 -10.31 -32.06
N GLN C 77 7.01 -9.13 -31.45
CA GLN C 77 7.32 -8.97 -30.03
C GLN C 77 6.69 -7.70 -29.46
N VAL C 78 6.08 -7.83 -28.28
CA VAL C 78 5.46 -6.68 -27.62
C VAL C 78 5.58 -6.79 -26.09
N SER C 79 5.54 -5.64 -25.43
CA SER C 79 5.60 -5.56 -23.97
C SER C 79 4.14 -5.57 -23.51
N VAL C 80 3.85 -6.45 -22.56
CA VAL C 80 2.50 -6.62 -22.04
C VAL C 80 2.47 -6.56 -20.52
N PRO C 81 1.48 -5.87 -19.93
CA PRO C 81 1.46 -5.83 -18.45
C PRO C 81 1.18 -7.26 -17.98
N ILE C 82 1.84 -7.70 -16.91
CA ILE C 82 1.62 -9.06 -16.45
C ILE C 82 0.22 -9.32 -15.96
N SER C 83 -0.47 -8.26 -15.54
CA SER C 83 -1.83 -8.42 -15.08
C SER C 83 -2.71 -8.94 -16.21
N SER C 84 -2.22 -8.83 -17.45
CA SER C 84 -2.99 -9.34 -18.59
C SER C 84 -2.59 -10.75 -18.97
N LEU C 85 -1.66 -11.33 -18.21
CA LEU C 85 -1.16 -12.66 -18.52
C LEU C 85 -1.17 -13.65 -17.37
N TRP C 86 -1.11 -14.93 -17.71
CA TRP C 86 -1.01 -15.92 -16.67
C TRP C 86 0.49 -15.91 -16.43
N VAL C 87 0.92 -15.89 -15.18
CA VAL C 87 2.34 -15.95 -14.87
C VAL C 87 2.48 -16.99 -13.78
N PRO C 88 3.57 -17.73 -13.76
CA PRO C 88 3.73 -18.74 -12.71
C PRO C 88 3.75 -18.13 -11.31
N ASP C 89 3.10 -18.80 -10.36
CA ASP C 89 3.04 -18.37 -8.96
C ASP C 89 4.32 -18.74 -8.18
N LEU C 90 5.48 -18.34 -8.70
CA LEU C 90 6.75 -18.65 -8.05
C LEU C 90 6.87 -17.94 -6.71
N ALA C 91 7.56 -18.59 -5.77
CA ALA C 91 7.78 -18.00 -4.46
C ALA C 91 9.16 -18.44 -3.91
N ALA C 92 9.83 -17.54 -3.20
CA ALA C 92 11.11 -17.89 -2.60
C ALA C 92 10.78 -18.45 -1.22
N TYR C 93 10.97 -19.76 -1.06
CA TYR C 93 10.68 -20.47 0.19
C TYR C 93 11.29 -19.88 1.45
N ASN C 94 12.52 -19.40 1.36
CA ASN C 94 13.19 -18.84 2.52
C ASN C 94 13.22 -17.32 2.58
N ALA C 95 12.37 -16.67 1.78
CA ALA C 95 12.29 -15.21 1.80
C ALA C 95 11.58 -14.80 3.09
N ILE C 96 11.95 -13.67 3.70
CA ILE C 96 11.26 -13.24 4.91
C ILE C 96 10.55 -11.91 4.73
N SER C 97 10.47 -11.45 3.47
CA SER C 97 9.76 -10.22 3.15
C SER C 97 9.10 -10.44 1.79
N LYS C 98 8.01 -9.72 1.53
CA LYS C 98 7.34 -9.84 0.24
C LYS C 98 8.32 -9.26 -0.77
N PRO C 99 8.38 -9.84 -1.98
CA PRO C 99 9.32 -9.27 -2.95
C PRO C 99 8.96 -7.83 -3.29
N GLU C 100 9.94 -6.93 -3.29
CA GLU C 100 9.69 -5.53 -3.63
C GLU C 100 10.08 -5.38 -5.10
N VAL C 101 9.08 -5.36 -5.99
CA VAL C 101 9.36 -5.23 -7.43
C VAL C 101 9.73 -3.78 -7.72
N LEU C 102 10.97 -3.59 -8.15
CA LEU C 102 11.50 -2.27 -8.43
C LEU C 102 11.21 -1.72 -9.82
N THR C 103 10.92 -2.61 -10.76
CA THR C 103 10.70 -2.23 -12.15
C THR C 103 9.28 -2.35 -12.68
N PRO C 104 9.00 -1.69 -13.82
CA PRO C 104 7.67 -1.73 -14.43
C PRO C 104 7.30 -3.19 -14.61
N GLN C 105 6.06 -3.54 -14.25
CA GLN C 105 5.64 -4.92 -14.35
C GLN C 105 5.10 -5.31 -15.71
N LEU C 106 6.03 -5.36 -16.67
CA LEU C 106 5.76 -5.71 -18.04
C LEU C 106 6.57 -6.92 -18.49
N ALA C 107 5.92 -7.77 -19.28
CA ALA C 107 6.58 -8.94 -19.84
C ALA C 107 6.68 -8.77 -21.34
N ARG C 108 7.57 -9.53 -21.97
CA ARG C 108 7.73 -9.50 -23.41
C ARG C 108 7.13 -10.81 -23.93
N VAL C 109 6.20 -10.70 -24.86
CA VAL C 109 5.55 -11.84 -25.47
C VAL C 109 5.96 -11.89 -26.96
N VAL C 110 6.49 -13.03 -27.37
CA VAL C 110 6.94 -13.22 -28.75
C VAL C 110 5.83 -13.88 -29.57
N SER C 111 5.82 -13.62 -30.87
CA SER C 111 4.80 -14.15 -31.77
C SER C 111 4.58 -15.65 -31.70
N ASP C 112 5.59 -16.40 -31.28
CA ASP C 112 5.47 -17.85 -31.17
C ASP C 112 4.89 -18.29 -29.81
N GLY C 113 4.62 -17.32 -28.95
CA GLY C 113 4.04 -17.65 -27.66
C GLY C 113 5.03 -17.73 -26.52
N GLU C 114 6.30 -17.47 -26.81
CA GLU C 114 7.32 -17.48 -25.76
C GLU C 114 7.15 -16.22 -24.93
N VAL C 115 7.24 -16.36 -23.60
CA VAL C 115 7.08 -15.23 -22.70
C VAL C 115 8.30 -15.03 -21.82
N LEU C 116 8.69 -13.77 -21.62
CA LEU C 116 9.82 -13.45 -20.77
C LEU C 116 9.40 -12.37 -19.77
N TYR C 117 9.55 -12.66 -18.48
CA TYR C 117 9.24 -11.69 -17.44
C TYR C 117 10.49 -11.66 -16.56
N MET C 118 11.08 -10.49 -16.46
CA MET C 118 12.31 -10.37 -15.70
C MET C 118 12.32 -9.13 -14.80
N PRO C 119 11.59 -9.20 -13.68
CA PRO C 119 11.57 -8.06 -12.78
C PRO C 119 12.83 -7.95 -11.95
N SER C 120 13.17 -6.74 -11.54
CA SER C 120 14.31 -6.54 -10.67
C SER C 120 13.62 -6.49 -9.31
N ILE C 121 14.06 -7.35 -8.41
CA ILE C 121 13.45 -7.45 -7.10
C ILE C 121 14.40 -7.26 -5.92
N ARG C 122 13.94 -6.54 -4.90
CA ARG C 122 14.73 -6.39 -3.69
C ARG C 122 13.95 -7.22 -2.68
N GLN C 123 14.63 -8.13 -1.98
CA GLN C 123 13.97 -9.00 -1.02
C GLN C 123 14.92 -9.51 0.07
N ARG C 124 14.39 -9.74 1.27
CA ARG C 124 15.18 -10.20 2.39
C ARG C 124 15.04 -11.70 2.57
N PHE C 125 16.16 -12.37 2.82
CA PHE C 125 16.18 -13.83 2.96
C PHE C 125 16.80 -14.36 4.25
N SER C 126 16.46 -15.61 4.54
CA SER C 126 16.96 -16.34 5.69
C SER C 126 17.85 -17.42 5.07
N CYS C 127 19.16 -17.25 5.19
CA CYS C 127 20.11 -18.20 4.64
C CYS C 127 21.41 -18.11 5.44
N ASP C 128 22.37 -18.97 5.11
CA ASP C 128 23.65 -18.99 5.82
C ASP C 128 24.57 -17.82 5.50
N VAL C 129 24.78 -16.96 6.49
CA VAL C 129 25.65 -15.79 6.31
C VAL C 129 27.01 -15.97 7.01
N SER C 130 27.19 -17.10 7.68
CA SER C 130 28.46 -17.37 8.37
C SER C 130 29.64 -17.35 7.40
N GLY C 131 30.73 -16.71 7.81
CA GLY C 131 31.92 -16.66 6.97
C GLY C 131 31.94 -15.51 5.99
N VAL C 132 30.96 -14.62 6.07
CA VAL C 132 30.89 -13.50 5.13
C VAL C 132 32.14 -12.62 5.15
N ASP C 133 32.93 -12.72 6.22
CA ASP C 133 34.16 -11.94 6.33
C ASP C 133 35.41 -12.75 6.03
N THR C 134 35.25 -14.03 5.74
CA THR C 134 36.39 -14.88 5.45
C THR C 134 36.76 -14.77 3.97
N GLU C 135 37.79 -15.50 3.58
CA GLU C 135 38.29 -15.51 2.21
C GLU C 135 37.33 -16.30 1.33
N SER C 136 36.78 -17.37 1.87
CA SER C 136 35.86 -18.23 1.13
C SER C 136 34.41 -17.72 1.23
N GLY C 137 34.23 -16.63 1.98
CA GLY C 137 32.92 -16.03 2.14
C GLY C 137 31.77 -16.91 2.61
N ALA C 138 30.56 -16.34 2.55
CA ALA C 138 29.36 -17.05 2.94
C ALA C 138 28.67 -17.57 1.69
N THR C 139 27.83 -18.58 1.87
CA THR C 139 27.09 -19.16 0.75
C THR C 139 25.60 -19.16 1.13
N CYS C 140 24.86 -18.22 0.56
CA CYS C 140 23.43 -18.05 0.81
C CYS C 140 22.62 -18.78 -0.27
N ARG C 141 21.83 -19.75 0.14
CA ARG C 141 21.04 -20.50 -0.84
C ARG C 141 19.59 -19.98 -0.91
N ILE C 142 19.18 -19.59 -2.11
CA ILE C 142 17.81 -19.10 -2.32
C ILE C 142 17.02 -20.15 -3.08
N LYS C 143 15.91 -20.59 -2.49
CA LYS C 143 15.07 -21.62 -3.09
C LYS C 143 13.77 -21.03 -3.66
N ILE C 144 13.57 -21.19 -4.96
CA ILE C 144 12.39 -20.66 -5.65
C ILE C 144 11.65 -21.74 -6.43
N GLY C 145 10.34 -21.76 -6.30
CA GLY C 145 9.55 -22.75 -7.01
C GLY C 145 8.10 -22.33 -7.00
N SER C 146 7.26 -23.07 -7.72
CA SER C 146 5.84 -22.76 -7.74
C SER C 146 5.26 -23.00 -6.36
N TRP C 147 4.41 -22.07 -5.92
CA TRP C 147 3.79 -22.19 -4.61
C TRP C 147 2.63 -23.17 -4.58
N THR C 148 1.79 -23.19 -5.60
CA THR C 148 0.64 -24.11 -5.57
C THR C 148 0.53 -25.16 -6.67
N HIS C 149 1.44 -25.13 -7.64
CA HIS C 149 1.39 -26.09 -8.73
C HIS C 149 2.45 -27.14 -8.53
N HIS C 150 2.06 -28.41 -8.45
CA HIS C 150 3.02 -29.48 -8.27
C HIS C 150 3.72 -29.85 -9.57
N SER C 151 4.68 -30.76 -9.48
CA SER C 151 5.49 -31.17 -10.63
C SER C 151 4.74 -31.60 -11.88
N ARG C 152 3.49 -32.01 -11.75
CA ARG C 152 2.75 -32.40 -12.95
C ARG C 152 2.09 -31.21 -13.64
N GLU C 153 2.17 -30.04 -13.01
CA GLU C 153 1.56 -28.81 -13.54
C GLU C 153 2.61 -27.78 -13.94
N ILE C 154 3.64 -27.64 -13.12
CA ILE C 154 4.73 -26.72 -13.42
C ILE C 154 6.05 -27.39 -13.10
N SER C 155 7.01 -27.26 -14.02
CA SER C 155 8.34 -27.81 -13.79
C SER C 155 9.22 -26.57 -13.86
N VAL C 156 10.31 -26.56 -13.11
CA VAL C 156 11.23 -25.42 -13.13
C VAL C 156 12.66 -25.89 -13.37
N ASP C 157 13.32 -25.24 -14.32
CA ASP C 157 14.69 -25.58 -14.62
C ASP C 157 15.59 -24.36 -14.62
N PRO C 158 16.86 -24.54 -14.24
CA PRO C 158 17.78 -23.40 -14.22
C PRO C 158 18.27 -23.11 -15.64
N THR C 159 18.37 -21.84 -15.99
CA THR C 159 18.84 -21.44 -17.32
C THR C 159 20.36 -21.40 -17.22
N THR C 160 21.04 -21.86 -18.26
CA THR C 160 22.50 -21.88 -18.28
C THR C 160 23.07 -20.47 -18.43
N GLU C 161 23.19 -19.77 -17.30
CA GLU C 161 23.73 -18.41 -17.28
C GLU C 161 25.26 -18.47 -17.32
N ASN C 162 25.80 -18.99 -18.42
CA ASN C 162 27.25 -19.10 -18.57
C ASN C 162 27.85 -17.73 -18.92
N SER C 163 27.58 -16.76 -18.05
CA SER C 163 28.09 -15.40 -18.23
C SER C 163 28.77 -14.97 -16.95
N ASP C 164 29.22 -13.73 -16.90
CA ASP C 164 29.88 -13.22 -15.71
C ASP C 164 28.83 -13.03 -14.62
N ASP C 165 29.10 -13.60 -13.44
CA ASP C 165 28.17 -13.50 -12.33
C ASP C 165 28.00 -12.07 -11.84
N SER C 166 29.06 -11.28 -11.94
CA SER C 166 29.02 -9.89 -11.50
C SER C 166 28.77 -8.92 -12.66
N GLU C 167 28.39 -9.47 -13.81
CA GLU C 167 28.14 -8.64 -14.99
C GLU C 167 27.22 -7.46 -14.72
N TYR C 168 26.23 -7.67 -13.85
CA TYR C 168 25.28 -6.61 -13.53
C TYR C 168 25.40 -6.19 -12.07
N PHE C 169 26.29 -6.82 -11.33
CA PHE C 169 26.47 -6.51 -9.92
C PHE C 169 27.04 -5.11 -9.71
N SER C 170 26.49 -4.40 -8.74
CA SER C 170 26.94 -3.05 -8.42
C SER C 170 28.39 -3.04 -7.95
N GLN C 171 29.21 -2.19 -8.56
CA GLN C 171 30.61 -2.10 -8.16
C GLN C 171 30.70 -1.32 -6.84
N TYR C 172 29.59 -0.76 -6.40
CA TYR C 172 29.59 0.04 -5.18
C TYR C 172 29.05 -0.67 -3.96
N SER C 173 28.79 -1.96 -4.08
CA SER C 173 28.30 -2.71 -2.93
C SER C 173 29.46 -2.93 -1.98
N ARG C 174 29.15 -3.13 -0.71
CA ARG C 174 30.18 -3.40 0.28
C ARG C 174 30.63 -4.85 0.10
N PHE C 175 29.86 -5.62 -0.67
CA PHE C 175 30.19 -7.02 -0.89
C PHE C 175 30.57 -7.34 -2.34
N GLU C 176 31.01 -8.57 -2.56
CA GLU C 176 31.41 -8.99 -3.89
C GLU C 176 31.02 -10.45 -4.07
N ILE C 177 30.74 -10.82 -5.31
CA ILE C 177 30.34 -12.18 -5.61
C ILE C 177 31.53 -13.03 -6.01
N LEU C 178 31.63 -14.21 -5.42
CA LEU C 178 32.72 -15.11 -5.73
C LEU C 178 32.20 -16.14 -6.71
N ASP C 179 31.00 -16.63 -6.47
CA ASP C 179 30.44 -17.65 -7.34
C ASP C 179 28.93 -17.82 -7.18
N VAL C 180 28.28 -18.26 -8.26
CA VAL C 180 26.85 -18.50 -8.24
C VAL C 180 26.55 -19.79 -8.99
N THR C 181 25.92 -20.73 -8.30
CA THR C 181 25.57 -22.00 -8.92
C THR C 181 24.07 -22.23 -8.74
N GLN C 182 23.48 -23.01 -9.64
CA GLN C 182 22.06 -23.28 -9.61
C GLN C 182 21.83 -24.77 -9.83
N LYS C 183 20.89 -25.35 -9.09
CA LYS C 183 20.55 -26.76 -9.23
C LYS C 183 19.06 -26.94 -8.95
N LYS C 184 18.47 -27.93 -9.60
CA LYS C 184 17.06 -28.22 -9.47
C LYS C 184 16.79 -29.28 -8.41
N ASN C 185 15.58 -29.28 -7.87
CA ASN C 185 15.18 -30.28 -6.88
C ASN C 185 13.69 -30.56 -7.10
N SER C 186 13.24 -31.74 -6.67
CA SER C 186 11.84 -32.13 -6.77
C SER C 186 11.53 -32.70 -5.40
N VAL C 187 10.83 -31.91 -4.60
CA VAL C 187 10.52 -32.22 -3.22
C VAL C 187 9.09 -32.61 -2.83
N THR C 188 9.00 -33.68 -2.05
CA THR C 188 7.74 -34.16 -1.51
C THR C 188 7.80 -33.88 -0.02
N TYR C 189 6.93 -32.99 0.45
CA TYR C 189 6.87 -32.62 1.86
C TYR C 189 5.79 -33.54 2.46
N SER C 190 5.80 -33.72 3.78
CA SER C 190 4.82 -34.59 4.40
C SER C 190 3.43 -33.94 4.44
N CYS C 191 3.38 -32.64 4.20
CA CYS C 191 2.12 -31.88 4.20
C CYS C 191 1.26 -32.20 3.02
N CYS C 192 1.94 -32.55 1.94
CA CYS C 192 1.26 -32.70 0.70
C CYS C 192 1.70 -33.92 -0.13
N PRO C 193 0.73 -34.61 -0.75
CA PRO C 193 0.94 -35.81 -1.58
C PRO C 193 1.79 -35.67 -2.86
N GLU C 194 1.68 -34.54 -3.55
CA GLU C 194 2.44 -34.33 -4.78
C GLU C 194 3.79 -33.69 -4.53
N ALA C 195 4.69 -33.84 -5.48
CA ALA C 195 6.01 -33.25 -5.38
C ALA C 195 6.03 -31.84 -6.00
N TYR C 196 6.87 -30.97 -5.45
CA TYR C 196 7.00 -29.61 -5.97
C TYR C 196 8.44 -29.35 -6.37
N GLU C 197 8.62 -28.86 -7.59
CA GLU C 197 9.96 -28.57 -8.08
C GLU C 197 10.42 -27.18 -7.68
N ASP C 198 11.74 -27.02 -7.60
CA ASP C 198 12.31 -25.72 -7.28
C ASP C 198 13.70 -25.61 -7.85
N VAL C 199 14.24 -24.40 -7.79
CA VAL C 199 15.59 -24.15 -8.24
C VAL C 199 16.24 -23.51 -7.04
N GLU C 200 17.42 -24.01 -6.70
CA GLU C 200 18.13 -23.48 -5.56
C GLU C 200 19.34 -22.72 -6.10
N VAL C 201 19.38 -21.44 -5.81
CA VAL C 201 20.49 -20.60 -6.28
C VAL C 201 21.45 -20.43 -5.13
N SER C 202 22.70 -20.81 -5.34
CA SER C 202 23.73 -20.67 -4.32
C SER C 202 24.59 -19.45 -4.58
N LEU C 203 24.49 -18.46 -3.70
CA LEU C 203 25.26 -17.23 -3.82
C LEU C 203 26.44 -17.24 -2.85
N ASN C 204 27.65 -17.30 -3.39
CA ASN C 204 28.87 -17.30 -2.59
C ASN C 204 29.41 -15.87 -2.67
N PHE C 205 29.37 -15.15 -1.56
CA PHE C 205 29.82 -13.77 -1.54
C PHE C 205 30.55 -13.48 -0.25
N ARG C 206 31.19 -12.31 -0.18
CA ARG C 206 31.93 -11.91 1.01
C ARG C 206 32.12 -10.40 1.06
N LYS C 207 32.47 -9.92 2.25
CA LYS C 207 32.72 -8.51 2.45
C LYS C 207 34.09 -8.22 1.88
N LYS C 208 34.24 -7.10 1.18
CA LYS C 208 35.53 -6.76 0.60
C LYS C 208 36.46 -6.17 1.64
N GLY C 209 37.74 -6.05 1.29
CA GLY C 209 38.71 -5.48 2.20
C GLY C 209 38.97 -4.03 1.84
N ARG C 210 39.52 -3.26 2.79
CA ARG C 210 39.82 -1.85 2.54
C ARG C 210 41.00 -1.70 1.58
N ALA D 4 -16.53 -33.56 -20.94
CA ALA D 4 -15.75 -32.62 -21.79
C ALA D 4 -15.59 -31.25 -21.09
N ALA D 5 -14.52 -31.11 -20.31
CA ALA D 5 -14.24 -29.85 -19.60
C ALA D 5 -12.76 -29.71 -19.26
N ASP D 6 -12.24 -28.49 -19.33
CA ASP D 6 -10.84 -28.23 -19.02
C ASP D 6 -10.74 -27.24 -17.85
N ARG D 7 -9.52 -26.82 -17.52
CA ARG D 7 -9.32 -25.89 -16.40
C ARG D 7 -10.03 -24.57 -16.61
N ALA D 8 -9.99 -24.06 -17.84
CA ALA D 8 -10.66 -22.79 -18.16
C ALA D 8 -12.14 -22.91 -17.84
N ASP D 9 -12.73 -24.06 -18.15
CA ASP D 9 -14.14 -24.31 -17.88
C ASP D 9 -14.36 -24.36 -16.36
N ILE D 10 -13.51 -25.11 -15.68
CA ILE D 10 -13.61 -25.24 -14.23
C ILE D 10 -13.58 -23.88 -13.54
N LEU D 11 -12.59 -23.06 -13.91
CA LEU D 11 -12.47 -21.74 -13.32
C LEU D 11 -13.68 -20.90 -13.67
N TYR D 12 -14.16 -21.07 -14.90
CA TYR D 12 -15.33 -20.32 -15.37
C TYR D 12 -16.56 -20.64 -14.52
N ASN D 13 -16.82 -21.92 -14.26
CA ASN D 13 -17.98 -22.29 -13.45
C ASN D 13 -17.84 -21.74 -12.03
N ILE D 14 -16.62 -21.80 -11.50
CA ILE D 14 -16.38 -21.31 -10.16
C ILE D 14 -16.67 -19.81 -10.04
N ARG D 15 -16.26 -19.03 -11.02
CA ARG D 15 -16.52 -17.60 -10.96
C ARG D 15 -17.92 -17.25 -11.46
N GLN D 16 -18.88 -18.11 -11.13
CA GLN D 16 -20.29 -17.93 -11.50
C GLN D 16 -21.12 -18.32 -10.28
N THR D 17 -20.91 -19.55 -9.80
CA THR D 17 -21.64 -20.08 -8.65
C THR D 17 -21.06 -19.65 -7.31
N SER D 18 -19.77 -19.30 -7.31
CA SER D 18 -19.08 -18.89 -6.09
C SER D 18 -19.41 -17.47 -5.66
N ARG D 19 -19.71 -17.31 -4.37
N ARG D 19 -19.71 -17.31 -4.37
CA ARG D 19 -20.04 -16.02 -3.79
CA ARG D 19 -20.04 -16.01 -3.81
C ARG D 19 -19.07 -15.73 -2.65
C ARG D 19 -19.07 -15.73 -2.67
N PRO D 20 -17.97 -15.02 -2.95
CA PRO D 20 -16.94 -14.67 -1.97
C PRO D 20 -17.48 -14.10 -0.66
N ASP D 21 -18.64 -13.45 -0.72
CA ASP D 21 -19.25 -12.85 0.46
C ASP D 21 -20.20 -13.77 1.22
N VAL D 22 -20.46 -14.96 0.67
CA VAL D 22 -21.39 -15.89 1.30
C VAL D 22 -20.79 -17.16 1.93
N ILE D 23 -20.84 -17.24 3.27
CA ILE D 23 -20.32 -18.41 3.95
C ILE D 23 -21.15 -19.61 3.45
N PRO D 24 -20.48 -20.69 2.99
CA PRO D 24 -21.12 -21.90 2.46
C PRO D 24 -21.61 -22.94 3.48
N THR D 25 -22.49 -22.54 4.37
CA THR D 25 -23.01 -23.49 5.36
C THR D 25 -23.83 -24.61 4.74
N GLN D 26 -23.68 -25.82 5.29
CA GLN D 26 -24.43 -26.97 4.81
C GLN D 26 -25.67 -27.10 5.70
N ARG D 27 -26.84 -26.98 5.07
CA ARG D 27 -28.10 -27.06 5.81
C ARG D 27 -28.10 -25.90 6.80
N ASP D 28 -28.01 -26.24 8.08
CA ASP D 28 -28.00 -25.22 9.12
C ASP D 28 -26.80 -25.45 10.03
N ARG D 29 -25.90 -26.34 9.58
CA ARG D 29 -24.69 -26.66 10.34
C ARG D 29 -23.58 -25.66 10.05
N PRO D 30 -22.62 -25.53 10.98
CA PRO D 30 -21.50 -24.60 10.81
C PRO D 30 -20.46 -25.12 9.81
N VAL D 31 -19.66 -24.23 9.25
CA VAL D 31 -18.61 -24.65 8.32
C VAL D 31 -17.44 -25.09 9.17
N ALA D 32 -17.03 -26.35 9.00
CA ALA D 32 -15.92 -26.87 9.79
C ALA D 32 -14.61 -26.41 9.16
N VAL D 33 -13.83 -25.64 9.92
CA VAL D 33 -12.58 -25.11 9.42
C VAL D 33 -11.38 -25.63 10.20
N SER D 34 -10.44 -26.26 9.47
CA SER D 34 -9.23 -26.76 10.12
C SER D 34 -8.12 -25.74 9.99
N VAL D 35 -7.43 -25.47 11.11
CA VAL D 35 -6.34 -24.52 11.14
C VAL D 35 -5.16 -25.14 11.88
N SER D 36 -3.97 -25.03 11.28
CA SER D 36 -2.75 -25.56 11.89
C SER D 36 -1.58 -24.80 11.29
N LEU D 37 -0.67 -24.35 12.14
CA LEU D 37 0.49 -23.58 11.72
C LEU D 37 1.78 -24.40 11.61
N LYS D 38 2.50 -24.21 10.51
CA LYS D 38 3.78 -24.87 10.30
C LYS D 38 4.78 -23.73 10.43
N PHE D 39 5.57 -23.74 11.50
CA PHE D 39 6.54 -22.68 11.72
C PHE D 39 7.73 -22.77 10.79
N ILE D 40 8.05 -21.63 10.16
CA ILE D 40 9.16 -21.53 9.22
C ILE D 40 10.36 -20.80 9.81
N ASN D 41 10.10 -19.81 10.65
CA ASN D 41 11.19 -19.05 11.25
C ASN D 41 10.70 -18.25 12.45
N ILE D 42 11.66 -17.79 13.26
CA ILE D 42 11.41 -16.95 14.43
C ILE D 42 12.48 -15.91 14.19
N LEU D 43 12.08 -14.65 14.05
CA LEU D 43 13.04 -13.61 13.69
C LEU D 43 13.43 -12.50 14.64
N GLU D 44 12.46 -11.75 15.14
CA GLU D 44 12.80 -10.64 15.99
C GLU D 44 12.20 -10.85 17.37
N VAL D 45 12.98 -11.46 18.26
CA VAL D 45 12.53 -11.71 19.61
C VAL D 45 12.96 -10.57 20.52
N ASN D 46 12.08 -10.20 21.44
CA ASN D 46 12.33 -9.14 22.40
C ASN D 46 11.70 -9.54 23.72
N GLU D 47 12.52 -10.03 24.65
CA GLU D 47 12.03 -10.48 25.95
C GLU D 47 11.59 -9.30 26.83
N ILE D 48 12.06 -8.10 26.49
CA ILE D 48 11.72 -6.91 27.24
C ILE D 48 10.29 -6.43 26.99
N THR D 49 9.82 -6.56 25.74
CA THR D 49 8.49 -6.12 25.35
C THR D 49 7.51 -7.26 25.08
N ASN D 50 7.96 -8.50 25.28
CA ASN D 50 7.13 -9.67 25.02
C ASN D 50 6.54 -9.64 23.61
N GLU D 51 7.42 -9.41 22.63
CA GLU D 51 7.06 -9.35 21.23
C GLU D 51 7.95 -10.27 20.41
N VAL D 52 7.36 -10.89 19.40
CA VAL D 52 8.09 -11.81 18.53
C VAL D 52 7.57 -11.76 17.11
N ASP D 53 8.49 -11.90 16.16
CA ASP D 53 8.17 -11.92 14.74
C ASP D 53 8.28 -13.35 14.28
N VAL D 54 7.16 -13.95 13.88
CA VAL D 54 7.15 -15.33 13.42
C VAL D 54 6.72 -15.47 11.94
N VAL D 55 7.28 -16.47 11.25
CA VAL D 55 6.93 -16.74 9.86
C VAL D 55 6.26 -18.12 9.92
N PHE D 56 5.08 -18.27 9.32
CA PHE D 56 4.40 -19.56 9.39
C PHE D 56 3.40 -19.83 8.27
N TRP D 57 3.30 -21.09 7.86
CA TRP D 57 2.33 -21.46 6.85
C TRP D 57 1.05 -21.64 7.65
N GLN D 58 -0.04 -21.00 7.22
CA GLN D 58 -1.30 -21.14 7.94
C GLN D 58 -2.21 -22.08 7.17
N ARG D 59 -1.99 -23.38 7.36
CA ARG D 59 -2.80 -24.38 6.67
C ARG D 59 -4.25 -24.22 7.09
N THR D 60 -5.11 -24.00 6.10
CA THR D 60 -6.53 -23.78 6.35
C THR D 60 -7.36 -24.58 5.35
N THR D 61 -8.25 -25.42 5.85
CA THR D 61 -9.08 -26.25 4.98
C THR D 61 -10.53 -26.18 5.41
N TRP D 62 -11.43 -26.42 4.46
CA TRP D 62 -12.87 -26.42 4.71
C TRP D 62 -13.51 -26.89 3.42
N SER D 63 -14.82 -27.13 3.47
CA SER D 63 -15.56 -27.59 2.31
C SER D 63 -16.52 -26.52 1.83
N ASP D 64 -16.78 -26.53 0.53
CA ASP D 64 -17.72 -25.59 -0.09
C ASP D 64 -18.28 -26.34 -1.31
N ARG D 65 -19.44 -26.96 -1.12
CA ARG D 65 -20.09 -27.72 -2.20
C ARG D 65 -20.45 -26.89 -3.43
N THR D 66 -20.68 -25.59 -3.24
CA THR D 66 -21.03 -24.71 -4.35
C THR D 66 -19.91 -24.65 -5.39
N LEU D 67 -18.77 -25.25 -5.06
CA LEU D 67 -17.61 -25.27 -5.95
C LEU D 67 -17.42 -26.61 -6.66
N ALA D 68 -18.01 -27.67 -6.13
CA ALA D 68 -17.87 -29.01 -6.70
C ALA D 68 -18.13 -29.08 -8.21
N TRP D 69 -17.59 -30.11 -8.85
CA TRP D 69 -17.77 -30.32 -10.27
C TRP D 69 -17.40 -31.75 -10.64
N ASP D 70 -18.05 -32.28 -11.68
CA ASP D 70 -17.81 -33.64 -12.14
C ASP D 70 -16.41 -33.77 -12.75
N SER D 71 -15.52 -34.47 -12.06
CA SER D 71 -14.16 -34.65 -12.55
C SER D 71 -13.93 -36.03 -13.17
N SER D 72 -14.97 -36.58 -13.78
CA SER D 72 -14.85 -37.89 -14.41
C SER D 72 -13.84 -37.82 -15.56
N HIS D 73 -13.98 -36.79 -16.39
CA HIS D 73 -13.08 -36.60 -17.52
C HIS D 73 -12.54 -35.17 -17.55
N SER D 74 -11.98 -34.74 -16.43
CA SER D 74 -11.42 -33.39 -16.29
C SER D 74 -10.53 -33.34 -15.07
N PRO D 75 -9.69 -32.29 -14.95
CA PRO D 75 -8.81 -32.19 -13.78
C PRO D 75 -9.64 -32.16 -12.51
N ASP D 76 -9.17 -32.82 -11.45
CA ASP D 76 -9.91 -32.83 -10.19
C ASP D 76 -9.40 -31.81 -9.17
N GLN D 77 -8.53 -30.91 -9.63
CA GLN D 77 -7.96 -29.87 -8.77
C GLN D 77 -7.48 -28.70 -9.60
N VAL D 78 -7.62 -27.49 -9.06
CA VAL D 78 -7.12 -26.30 -9.73
C VAL D 78 -6.71 -25.28 -8.70
N SER D 79 -5.77 -24.41 -9.06
CA SER D 79 -5.33 -23.35 -8.17
C SER D 79 -6.22 -22.17 -8.52
N VAL D 80 -6.80 -21.53 -7.51
CA VAL D 80 -7.71 -20.41 -7.71
C VAL D 80 -7.38 -19.19 -6.82
N PRO D 81 -7.52 -17.97 -7.35
CA PRO D 81 -7.21 -16.81 -6.51
C PRO D 81 -8.28 -16.80 -5.43
N ILE D 82 -7.89 -16.50 -4.19
CA ILE D 82 -8.87 -16.47 -3.11
C ILE D 82 -9.91 -15.35 -3.28
N SER D 83 -9.64 -14.40 -4.18
CA SER D 83 -10.59 -13.31 -4.38
C SER D 83 -11.84 -13.81 -5.11
N SER D 84 -11.75 -15.03 -5.63
CA SER D 84 -12.86 -15.65 -6.34
C SER D 84 -13.57 -16.69 -5.45
N LEU D 85 -13.15 -16.80 -4.20
CA LEU D 85 -13.72 -17.78 -3.28
C LEU D 85 -14.08 -17.20 -1.93
N TRP D 86 -14.99 -17.86 -1.23
CA TRP D 86 -15.31 -17.45 0.12
C TRP D 86 -14.13 -18.01 0.89
N VAL D 87 -13.66 -17.26 1.89
CA VAL D 87 -12.56 -17.72 2.71
C VAL D 87 -12.92 -17.32 4.13
N PRO D 88 -12.69 -18.23 5.10
CA PRO D 88 -13.01 -17.89 6.49
C PRO D 88 -12.30 -16.64 6.97
N ASP D 89 -12.97 -15.84 7.78
CA ASP D 89 -12.40 -14.59 8.29
C ASP D 89 -11.60 -14.76 9.58
N LEU D 90 -10.52 -15.53 9.49
CA LEU D 90 -9.65 -15.77 10.63
C LEU D 90 -8.79 -14.56 11.00
N ALA D 91 -8.53 -14.38 12.30
CA ALA D 91 -7.73 -13.27 12.77
C ALA D 91 -6.92 -13.77 13.95
N ALA D 92 -5.71 -13.26 14.09
CA ALA D 92 -4.87 -13.66 15.22
C ALA D 92 -5.11 -12.60 16.30
N TYR D 93 -5.78 -13.00 17.37
CA TYR D 93 -6.11 -12.10 18.47
C TYR D 93 -4.95 -11.32 19.07
N ASN D 94 -3.82 -11.99 19.30
CA ASN D 94 -2.66 -11.34 19.88
C ASN D 94 -1.63 -10.84 18.88
N ALA D 95 -2.01 -10.75 17.62
CA ALA D 95 -1.10 -10.24 16.60
C ALA D 95 -1.12 -8.71 16.75
N ILE D 96 0.04 -8.08 16.64
CA ILE D 96 0.11 -6.63 16.75
C ILE D 96 0.46 -5.94 15.43
N SER D 97 0.36 -6.69 14.33
CA SER D 97 0.58 -6.16 12.99
C SER D 97 -0.28 -6.95 12.02
N LYS D 98 -0.63 -6.35 10.89
CA LYS D 98 -1.42 -7.04 9.89
C LYS D 98 -0.58 -8.17 9.34
N PRO D 99 -1.22 -9.27 8.91
CA PRO D 99 -0.46 -10.40 8.36
C PRO D 99 0.27 -9.96 7.08
N GLU D 100 1.56 -10.27 6.98
CA GLU D 100 2.31 -9.96 5.76
C GLU D 100 2.33 -11.28 4.98
N VAL D 101 1.42 -11.43 4.02
CA VAL D 101 1.37 -12.65 3.24
C VAL D 101 2.51 -12.63 2.22
N LEU D 102 3.44 -13.57 2.37
CA LEU D 102 4.62 -13.63 1.52
C LEU D 102 4.46 -14.41 0.22
N THR D 103 3.40 -15.20 0.12
CA THR D 103 3.21 -16.05 -1.03
C THR D 103 2.02 -15.69 -1.93
N PRO D 104 2.02 -16.16 -3.17
CA PRO D 104 0.91 -15.87 -4.09
C PRO D 104 -0.39 -16.29 -3.41
N GLN D 105 -1.39 -15.42 -3.43
CA GLN D 105 -2.65 -15.72 -2.76
C GLN D 105 -3.58 -16.63 -3.55
N LEU D 106 -3.18 -17.89 -3.66
CA LEU D 106 -3.94 -18.90 -4.38
C LEU D 106 -4.32 -20.04 -3.46
N ALA D 107 -5.54 -20.54 -3.64
CA ALA D 107 -6.02 -21.66 -2.85
C ALA D 107 -6.14 -22.80 -3.84
N ARG D 108 -6.18 -24.01 -3.33
CA ARG D 108 -6.30 -25.21 -4.15
C ARG D 108 -7.72 -25.78 -3.93
N VAL D 109 -8.48 -25.92 -5.02
CA VAL D 109 -9.83 -26.46 -4.91
C VAL D 109 -9.91 -27.83 -5.60
N VAL D 110 -10.49 -28.81 -4.89
CA VAL D 110 -10.65 -30.18 -5.41
C VAL D 110 -12.05 -30.31 -6.02
N SER D 111 -12.23 -31.25 -6.94
CA SER D 111 -13.53 -31.45 -7.59
C SER D 111 -14.70 -31.70 -6.64
N ASP D 112 -14.41 -32.24 -5.46
CA ASP D 112 -15.46 -32.52 -4.48
C ASP D 112 -15.75 -31.30 -3.59
N GLY D 113 -15.19 -30.15 -3.95
CA GLY D 113 -15.43 -28.94 -3.18
C GLY D 113 -14.53 -28.70 -1.97
N GLU D 114 -13.51 -29.52 -1.79
CA GLU D 114 -12.60 -29.33 -0.67
C GLU D 114 -11.63 -28.23 -1.05
N VAL D 115 -11.41 -27.29 -0.12
CA VAL D 115 -10.50 -26.19 -0.36
C VAL D 115 -9.33 -26.15 0.61
N LEU D 116 -8.16 -25.82 0.08
CA LEU D 116 -6.97 -25.69 0.89
C LEU D 116 -6.34 -24.34 0.58
N TYR D 117 -6.09 -23.56 1.62
CA TYR D 117 -5.46 -22.27 1.47
C TYR D 117 -4.34 -22.29 2.50
N MET D 118 -3.11 -22.12 2.05
CA MET D 118 -1.98 -22.18 2.97
C MET D 118 -0.90 -21.15 2.64
N PRO D 119 -1.16 -19.90 3.01
CA PRO D 119 -0.19 -18.83 2.75
C PRO D 119 0.90 -18.86 3.81
N SER D 120 2.07 -18.39 3.43
CA SER D 120 3.17 -18.27 4.37
C SER D 120 3.01 -16.82 4.83
N ILE D 121 2.92 -16.63 6.16
CA ILE D 121 2.71 -15.31 6.73
C ILE D 121 3.80 -14.90 7.71
N ARG D 122 4.16 -13.62 7.69
CA ARG D 122 5.12 -13.10 8.66
C ARG D 122 4.27 -12.13 9.46
N GLN D 123 4.28 -12.30 10.78
CA GLN D 123 3.46 -11.46 11.62
C GLN D 123 4.05 -11.30 13.02
N ARG D 124 3.84 -10.14 13.63
CA ARG D 124 4.36 -9.90 14.97
C ARG D 124 3.26 -10.16 16.00
N PHE D 125 3.64 -10.84 17.08
CA PHE D 125 2.69 -11.18 18.14
C PHE D 125 3.09 -10.68 19.52
N SER D 126 2.10 -10.54 20.39
CA SER D 126 2.30 -10.15 21.78
C SER D 126 2.06 -11.45 22.54
N CYS D 127 3.12 -12.01 23.09
CA CYS D 127 3.02 -13.27 23.84
C CYS D 127 4.14 -13.42 24.85
N ASP D 128 4.08 -14.47 25.67
CA ASP D 128 5.09 -14.70 26.70
C ASP D 128 6.46 -15.11 26.14
N VAL D 129 7.41 -14.18 26.19
CA VAL D 129 8.75 -14.43 25.67
C VAL D 129 9.76 -14.78 26.78
N SER D 130 9.35 -14.63 28.03
CA SER D 130 10.23 -14.92 29.16
C SER D 130 10.78 -16.36 29.11
N GLY D 131 12.08 -16.50 29.37
CA GLY D 131 12.69 -17.81 29.36
C GLY D 131 13.28 -18.21 28.01
N VAL D 132 13.14 -17.32 27.02
CA VAL D 132 13.67 -17.60 25.70
C VAL D 132 15.15 -17.98 25.72
N ASP D 133 15.88 -17.48 26.73
CA ASP D 133 17.31 -17.76 26.85
C ASP D 133 17.66 -18.94 27.74
N THR D 134 16.65 -19.62 28.28
CA THR D 134 16.88 -20.78 29.15
C THR D 134 16.85 -22.08 28.38
N GLU D 135 16.90 -23.20 29.10
CA GLU D 135 16.88 -24.49 28.45
C GLU D 135 15.44 -24.95 28.22
N SER D 136 14.55 -24.57 29.12
CA SER D 136 13.16 -24.94 29.00
C SER D 136 12.49 -24.02 27.98
N GLY D 137 13.13 -22.88 27.73
CA GLY D 137 12.64 -21.92 26.75
C GLY D 137 11.36 -21.16 27.04
N ALA D 138 10.98 -20.31 26.10
CA ALA D 138 9.77 -19.51 26.21
C ALA D 138 8.63 -20.24 25.52
N THR D 139 7.41 -19.94 25.95
CA THR D 139 6.22 -20.53 25.37
C THR D 139 5.31 -19.40 24.89
N CYS D 140 5.25 -19.22 23.57
CA CYS D 140 4.43 -18.18 22.95
C CYS D 140 3.14 -18.81 22.45
N ARG D 141 2.03 -18.33 22.99
CA ARG D 141 0.70 -18.82 22.62
C ARG D 141 0.05 -17.89 21.58
N ILE D 142 -0.39 -18.46 20.47
CA ILE D 142 -1.02 -17.70 19.40
C ILE D 142 -2.46 -18.17 19.28
N LYS D 143 -3.39 -17.22 19.33
CA LYS D 143 -4.81 -17.51 19.27
C LYS D 143 -5.40 -17.08 17.92
N ILE D 144 -6.11 -17.99 17.26
CA ILE D 144 -6.71 -17.71 15.96
C ILE D 144 -8.13 -18.26 15.85
N GLY D 145 -9.05 -17.42 15.37
CA GLY D 145 -10.43 -17.85 15.21
C GLY D 145 -11.18 -16.90 14.30
N SER D 146 -12.42 -17.25 13.97
CA SER D 146 -13.22 -16.39 13.13
C SER D 146 -13.47 -15.10 13.88
N TRP D 147 -13.50 -13.99 13.16
CA TRP D 147 -13.76 -12.73 13.83
C TRP D 147 -15.24 -12.44 13.97
N THR D 148 -16.02 -12.65 12.90
CA THR D 148 -17.45 -12.33 12.94
C THR D 148 -18.43 -13.51 12.85
N HIS D 149 -17.91 -14.73 12.72
CA HIS D 149 -18.77 -15.90 12.63
C HIS D 149 -18.70 -16.69 13.94
N HIS D 150 -19.83 -16.84 14.61
CA HIS D 150 -19.86 -17.57 15.88
C HIS D 150 -19.94 -19.08 15.66
N SER D 151 -19.83 -19.83 16.77
CA SER D 151 -19.84 -21.30 16.78
C SER D 151 -20.87 -21.96 15.89
N ARG D 152 -22.01 -21.31 15.70
CA ARG D 152 -23.06 -21.91 14.88
C ARG D 152 -22.87 -21.66 13.39
N GLU D 153 -21.84 -20.90 13.04
CA GLU D 153 -21.60 -20.63 11.61
C GLU D 153 -20.23 -21.15 11.21
N ILE D 154 -19.26 -21.03 12.11
CA ILE D 154 -17.92 -21.53 11.87
C ILE D 154 -17.34 -22.19 13.11
N SER D 155 -16.74 -23.36 12.93
CA SER D 155 -16.10 -24.04 14.04
C SER D 155 -14.66 -24.20 13.59
N VAL D 156 -13.71 -24.06 14.51
CA VAL D 156 -12.30 -24.20 14.17
C VAL D 156 -11.66 -25.30 15.01
N ASP D 157 -11.10 -26.28 14.33
CA ASP D 157 -10.43 -27.40 15.01
C ASP D 157 -9.01 -27.57 14.47
N PRO D 158 -8.08 -27.94 15.35
CA PRO D 158 -6.69 -28.12 14.92
C PRO D 158 -6.51 -29.45 14.22
N THR D 159 -5.50 -29.52 13.34
CA THR D 159 -5.20 -30.74 12.62
C THR D 159 -4.04 -31.40 13.33
N THR D 160 -4.34 -32.36 14.21
CA THR D 160 -3.29 -33.05 14.95
C THR D 160 -2.62 -34.10 14.08
N GLU D 161 -1.82 -33.63 13.12
CA GLU D 161 -1.11 -34.50 12.20
C GLU D 161 0.33 -34.66 12.70
N ASN D 162 0.86 -35.87 12.58
CA ASN D 162 2.23 -36.13 13.03
C ASN D 162 3.26 -35.66 12.02
N SER D 163 3.56 -34.37 12.08
CA SER D 163 4.53 -33.74 11.19
C SER D 163 5.58 -33.06 12.07
N ASP D 164 6.84 -33.49 11.93
CA ASP D 164 7.94 -32.92 12.70
C ASP D 164 7.75 -31.41 12.86
N ASP D 165 7.71 -30.93 14.11
CA ASP D 165 7.52 -29.50 14.38
C ASP D 165 8.54 -28.60 13.68
N SER D 166 9.62 -29.20 13.19
CA SER D 166 10.66 -28.43 12.53
C SER D 166 10.96 -28.86 11.11
N GLU D 167 10.06 -29.62 10.50
CA GLU D 167 10.29 -30.08 9.14
C GLU D 167 10.59 -28.89 8.23
N TYR D 168 9.75 -27.88 8.33
CA TYR D 168 9.89 -26.69 7.50
C TYR D 168 10.67 -25.58 8.17
N PHE D 169 10.97 -25.73 9.46
CA PHE D 169 11.69 -24.67 10.16
C PHE D 169 13.09 -24.43 9.59
N SER D 170 13.47 -23.15 9.56
CA SER D 170 14.75 -22.73 9.05
C SER D 170 15.90 -23.09 9.98
N GLN D 171 16.89 -23.79 9.45
CA GLN D 171 18.05 -24.18 10.26
C GLN D 171 18.96 -22.99 10.54
N TYR D 172 18.65 -21.84 9.95
CA TYR D 172 19.48 -20.65 10.13
C TYR D 172 18.92 -19.63 11.10
N SER D 173 17.81 -19.98 11.73
CA SER D 173 17.19 -19.10 12.71
C SER D 173 18.08 -19.12 13.95
N ARG D 174 18.03 -18.06 14.73
CA ARG D 174 18.81 -17.99 15.97
C ARG D 174 18.09 -18.82 17.02
N PHE D 175 16.88 -19.24 16.69
CA PHE D 175 16.08 -20.02 17.64
C PHE D 175 15.74 -21.40 17.15
N GLU D 176 15.20 -22.22 18.05
CA GLU D 176 14.82 -23.58 17.72
C GLU D 176 13.51 -23.95 18.39
N ILE D 177 12.75 -24.84 17.76
CA ILE D 177 11.47 -25.27 18.30
C ILE D 177 11.61 -26.50 19.18
N LEU D 178 11.22 -26.35 20.44
CA LEU D 178 11.29 -27.46 21.38
C LEU D 178 10.05 -28.33 21.23
N ASP D 179 8.89 -27.68 21.21
CA ASP D 179 7.62 -28.40 21.09
C ASP D 179 6.50 -27.43 20.67
N VAL D 180 5.47 -27.98 20.04
CA VAL D 180 4.32 -27.19 19.60
C VAL D 180 3.05 -27.97 19.98
N THR D 181 2.13 -27.30 20.67
CA THR D 181 0.87 -27.94 21.07
C THR D 181 -0.32 -27.09 20.64
N GLN D 182 -1.48 -27.73 20.50
CA GLN D 182 -2.70 -27.06 20.08
C GLN D 182 -3.84 -27.31 21.06
N LYS D 183 -4.77 -26.38 21.12
CA LYS D 183 -5.91 -26.47 22.02
C LYS D 183 -7.09 -25.67 21.45
N LYS D 184 -8.26 -26.32 21.35
CA LYS D 184 -9.45 -25.65 20.84
C LYS D 184 -10.24 -24.99 21.98
N ASN D 185 -10.79 -23.82 21.70
CA ASN D 185 -11.58 -23.09 22.70
C ASN D 185 -12.89 -22.58 22.11
N SER D 186 -13.74 -22.05 22.98
CA SER D 186 -15.04 -21.50 22.60
C SER D 186 -15.31 -20.37 23.60
N VAL D 187 -15.23 -19.12 23.14
CA VAL D 187 -15.40 -17.97 24.02
C VAL D 187 -16.61 -17.08 23.75
N THR D 188 -17.17 -16.51 24.82
CA THR D 188 -18.31 -15.60 24.72
C THR D 188 -17.81 -14.23 25.20
N TYR D 189 -17.53 -13.33 24.26
CA TYR D 189 -17.03 -12.02 24.64
C TYR D 189 -18.15 -11.12 25.13
N SER D 190 -17.88 -10.36 26.18
CA SER D 190 -18.84 -9.46 26.79
C SER D 190 -19.63 -8.66 25.76
N CYS D 191 -18.97 -8.33 24.67
CA CYS D 191 -19.57 -7.56 23.59
C CYS D 191 -20.72 -8.25 22.93
N CYS D 192 -20.65 -9.56 22.93
CA CYS D 192 -21.60 -10.29 22.17
C CYS D 192 -22.13 -11.61 22.79
N PRO D 193 -23.39 -11.94 22.50
CA PRO D 193 -24.13 -13.13 22.96
C PRO D 193 -23.61 -14.49 22.54
N GLU D 194 -23.27 -14.64 21.27
CA GLU D 194 -22.77 -15.91 20.76
C GLU D 194 -21.38 -16.23 21.28
N ALA D 195 -20.93 -17.45 21.02
CA ALA D 195 -19.60 -17.89 21.43
C ALA D 195 -18.77 -18.03 20.16
N TYR D 196 -17.52 -17.59 20.22
CA TYR D 196 -16.61 -17.67 19.07
C TYR D 196 -15.47 -18.62 19.34
N GLU D 197 -15.35 -19.63 18.49
CA GLU D 197 -14.31 -20.64 18.63
C GLU D 197 -12.95 -20.14 18.15
N ASP D 198 -11.90 -20.74 18.69
CA ASP D 198 -10.54 -20.40 18.31
C ASP D 198 -9.62 -21.57 18.59
N VAL D 199 -8.41 -21.51 18.04
CA VAL D 199 -7.42 -22.55 18.26
C VAL D 199 -6.24 -21.80 18.83
N GLU D 200 -5.65 -22.32 19.89
CA GLU D 200 -4.48 -21.67 20.48
C GLU D 200 -3.29 -22.57 20.20
N VAL D 201 -2.29 -22.01 19.52
CA VAL D 201 -1.09 -22.76 19.19
C VAL D 201 0.02 -22.31 20.11
N SER D 202 0.50 -23.22 20.96
CA SER D 202 1.57 -22.91 21.91
C SER D 202 2.93 -23.25 21.34
N LEU D 203 3.74 -22.21 21.18
CA LEU D 203 5.08 -22.36 20.61
C LEU D 203 6.17 -22.31 21.68
N ASN D 204 6.78 -23.47 21.94
CA ASN D 204 7.85 -23.59 22.91
C ASN D 204 9.16 -23.54 22.12
N PHE D 205 9.92 -22.46 22.29
CA PHE D 205 11.18 -22.31 21.57
C PHE D 205 12.19 -21.63 22.48
N ARG D 206 13.44 -21.60 22.03
CA ARG D 206 14.50 -20.96 22.82
C ARG D 206 15.64 -20.57 21.92
N LYS D 207 16.53 -19.72 22.44
CA LYS D 207 17.71 -19.30 21.72
C LYS D 207 18.57 -20.56 21.55
N LYS D 208 19.37 -20.62 20.47
CA LYS D 208 20.22 -21.79 20.25
C LYS D 208 21.44 -21.80 21.17
N GLY D 209 21.76 -22.97 21.70
CA GLY D 209 22.91 -23.08 22.60
C GLY D 209 22.66 -22.46 23.95
N ALA E 4 -38.94 -17.43 2.19
CA ALA E 4 -37.80 -18.40 2.24
C ALA E 4 -36.59 -17.87 1.46
N ALA E 5 -35.57 -17.43 2.19
CA ALA E 5 -34.38 -16.89 1.55
C ALA E 5 -33.11 -17.37 2.24
N ASP E 6 -32.02 -17.44 1.49
CA ASP E 6 -30.76 -17.86 2.07
C ASP E 6 -29.82 -16.65 2.20
N ARG E 7 -28.63 -16.88 2.74
CA ARG E 7 -27.67 -15.82 2.92
C ARG E 7 -27.30 -15.14 1.60
N ALA E 8 -27.17 -15.94 0.54
CA ALA E 8 -26.83 -15.39 -0.76
C ALA E 8 -27.85 -14.35 -1.19
N ASP E 9 -29.14 -14.65 -1.00
CA ASP E 9 -30.17 -13.71 -1.39
C ASP E 9 -30.08 -12.43 -0.54
N ILE E 10 -29.93 -12.62 0.76
CA ILE E 10 -29.85 -11.51 1.68
C ILE E 10 -28.66 -10.61 1.37
N LEU E 11 -27.49 -11.21 1.18
CA LEU E 11 -26.29 -10.44 0.90
C LEU E 11 -26.37 -9.76 -0.46
N TYR E 12 -26.98 -10.41 -1.43
CA TYR E 12 -27.12 -9.78 -2.74
C TYR E 12 -28.07 -8.59 -2.62
N ASN E 13 -29.19 -8.77 -1.91
CA ASN E 13 -30.16 -7.68 -1.73
C ASN E 13 -29.50 -6.48 -1.06
N ILE E 14 -28.75 -6.76 0.02
CA ILE E 14 -28.06 -5.72 0.76
C ILE E 14 -27.12 -4.88 -0.13
N ARG E 15 -26.40 -5.54 -1.03
N ARG E 15 -26.41 -5.55 -1.03
CA ARG E 15 -25.47 -4.83 -1.92
CA ARG E 15 -25.49 -4.89 -1.93
C ARG E 15 -26.21 -3.93 -2.89
C ARG E 15 -26.23 -3.94 -2.87
N GLN E 16 -27.36 -4.41 -3.38
CA GLN E 16 -28.16 -3.63 -4.33
C GLN E 16 -28.92 -2.47 -3.69
N THR E 17 -29.30 -2.60 -2.43
CA THR E 17 -30.06 -1.53 -1.79
C THR E 17 -29.21 -0.57 -0.94
N SER E 18 -28.18 -1.09 -0.29
CA SER E 18 -27.32 -0.26 0.54
C SER E 18 -26.52 0.71 -0.31
N ARG E 19 -26.49 1.98 0.08
CA ARG E 19 -25.74 3.00 -0.62
C ARG E 19 -24.62 3.50 0.30
N PRO E 20 -23.39 2.99 0.11
CA PRO E 20 -22.21 3.36 0.90
C PRO E 20 -21.91 4.85 0.98
N ASP E 21 -22.33 5.63 -0.01
CA ASP E 21 -22.04 7.05 0.02
C ASP E 21 -23.23 7.91 0.42
N VAL E 22 -24.24 7.28 1.00
CA VAL E 22 -25.44 7.99 1.42
C VAL E 22 -25.75 7.72 2.90
N ILE E 23 -25.60 8.73 3.75
CA ILE E 23 -25.88 8.54 5.17
C ILE E 23 -27.36 8.18 5.35
N PRO E 24 -27.65 7.10 6.09
CA PRO E 24 -29.01 6.61 6.34
C PRO E 24 -29.81 7.42 7.38
N THR E 25 -29.90 8.73 7.19
CA THR E 25 -30.66 9.57 8.11
C THR E 25 -32.13 9.24 7.95
N GLN E 26 -32.88 9.28 9.05
CA GLN E 26 -34.30 8.98 8.98
C GLN E 26 -35.08 10.24 9.35
N ARG E 27 -35.97 10.65 8.45
CA ARG E 27 -36.77 11.86 8.67
C ARG E 27 -35.82 13.05 8.69
N ASP E 28 -35.78 13.74 9.83
CA ASP E 28 -34.92 14.90 10.01
C ASP E 28 -33.96 14.70 11.18
N ARG E 29 -33.94 13.48 11.71
CA ARG E 29 -33.09 13.16 12.85
C ARG E 29 -31.73 12.58 12.44
N PRO E 30 -30.71 12.75 13.29
CA PRO E 30 -29.37 12.24 13.01
C PRO E 30 -29.22 10.74 13.20
N VAL E 31 -28.25 10.15 12.51
CA VAL E 31 -28.00 8.73 12.68
C VAL E 31 -27.35 8.65 14.06
N ALA E 32 -27.88 7.79 14.92
CA ALA E 32 -27.32 7.66 16.25
C ALA E 32 -26.22 6.61 16.22
N VAL E 33 -24.98 7.04 16.44
CA VAL E 33 -23.86 6.12 16.43
C VAL E 33 -23.32 5.92 17.83
N SER E 34 -23.12 4.66 18.20
CA SER E 34 -22.58 4.31 19.50
C SER E 34 -21.13 3.89 19.30
N VAL E 35 -20.26 4.33 20.20
CA VAL E 35 -18.85 4.00 20.11
C VAL E 35 -18.32 3.58 21.48
N SER E 36 -17.49 2.55 21.48
CA SER E 36 -16.91 2.03 22.71
C SER E 36 -15.51 1.48 22.43
N LEU E 37 -14.56 1.74 23.33
CA LEU E 37 -13.22 1.22 23.14
C LEU E 37 -12.88 0.19 24.21
N LYS E 38 -12.31 -0.93 23.78
CA LYS E 38 -11.91 -2.01 24.66
C LYS E 38 -10.43 -2.20 24.40
N PHE E 39 -9.61 -1.73 25.33
CA PHE E 39 -8.16 -1.81 25.15
C PHE E 39 -7.58 -3.22 25.24
N ILE E 40 -6.71 -3.51 24.28
CA ILE E 40 -6.08 -4.82 24.16
C ILE E 40 -4.60 -4.78 24.47
N ASN E 41 -3.94 -3.66 24.17
CA ASN E 41 -2.51 -3.58 24.43
C ASN E 41 -1.97 -2.15 24.39
N ILE E 42 -0.78 -1.97 24.95
CA ILE E 42 -0.09 -0.69 24.96
C ILE E 42 1.31 -1.15 24.61
N LEU E 43 1.71 -0.82 23.38
CA LEU E 43 2.99 -1.28 22.84
C LEU E 43 4.25 -0.44 22.95
N GLU E 44 4.14 0.86 22.70
CA GLU E 44 5.32 1.69 22.77
C GLU E 44 4.98 3.10 23.21
N VAL E 45 5.20 3.35 24.50
CA VAL E 45 4.92 4.64 25.09
C VAL E 45 6.19 5.48 25.13
N ASN E 46 6.03 6.79 24.95
CA ASN E 46 7.17 7.70 24.98
C ASN E 46 6.78 8.97 25.74
N GLU E 47 7.22 9.04 27.00
CA GLU E 47 6.91 10.17 27.85
C GLU E 47 7.57 11.45 27.35
N ILE E 48 8.73 11.33 26.70
CA ILE E 48 9.43 12.48 26.17
C ILE E 48 8.63 13.19 25.08
N THR E 49 8.03 12.41 24.18
CA THR E 49 7.26 12.98 23.08
C THR E 49 5.73 12.94 23.25
N ASN E 50 5.26 12.36 24.34
CA ASN E 50 3.82 12.24 24.58
C ASN E 50 3.15 11.52 23.40
N GLU E 51 3.70 10.36 23.07
CA GLU E 51 3.19 9.52 21.99
C GLU E 51 3.05 8.10 22.52
N VAL E 52 1.98 7.44 22.12
CA VAL E 52 1.72 6.08 22.57
C VAL E 52 1.12 5.27 21.42
N ASP E 53 1.36 3.98 21.45
CA ASP E 53 0.89 3.04 20.44
C ASP E 53 -0.10 2.12 21.12
N VAL E 54 -1.35 2.17 20.72
CA VAL E 54 -2.38 1.36 21.35
C VAL E 54 -3.13 0.38 20.42
N VAL E 55 -3.62 -0.71 21.01
CA VAL E 55 -4.39 -1.71 20.27
C VAL E 55 -5.74 -1.85 20.98
N PHE E 56 -6.83 -1.63 20.26
CA PHE E 56 -8.16 -1.70 20.86
C PHE E 56 -9.27 -2.16 19.92
N TRP E 57 -10.39 -2.59 20.49
CA TRP E 57 -11.54 -2.98 19.70
C TRP E 57 -12.48 -1.80 19.71
N GLN E 58 -12.88 -1.34 18.53
CA GLN E 58 -13.79 -0.20 18.46
C GLN E 58 -15.19 -0.66 18.12
N ARG E 59 -15.96 -1.01 19.14
CA ARG E 59 -17.33 -1.47 18.95
C ARG E 59 -18.15 -0.28 18.45
N THR E 60 -18.66 -0.38 17.23
CA THR E 60 -19.43 0.71 16.65
C THR E 60 -20.78 0.19 16.16
N THR E 61 -21.88 0.84 16.56
CA THR E 61 -23.21 0.39 16.15
C THR E 61 -24.12 1.53 15.68
N TRP E 62 -25.03 1.23 14.77
CA TRP E 62 -25.96 2.22 14.25
C TRP E 62 -27.07 1.50 13.48
N SER E 63 -28.10 2.25 13.07
CA SER E 63 -29.21 1.69 12.33
C SER E 63 -29.25 2.13 10.88
N ASP E 64 -29.73 1.25 10.03
CA ASP E 64 -29.90 1.53 8.61
C ASP E 64 -31.11 0.67 8.26
N ARG E 65 -32.29 1.12 8.70
CA ARG E 65 -33.53 0.39 8.49
C ARG E 65 -33.81 -0.06 7.06
N THR E 66 -33.22 0.60 6.07
CA THR E 66 -33.44 0.21 4.68
C THR E 66 -32.86 -1.18 4.40
N LEU E 67 -31.86 -1.58 5.18
CA LEU E 67 -31.23 -2.89 5.01
C LEU E 67 -32.15 -4.00 5.49
N ALA E 68 -32.99 -3.67 6.48
CA ALA E 68 -33.92 -4.62 7.08
C ALA E 68 -34.61 -5.54 6.08
N TRP E 69 -34.91 -6.76 6.53
CA TRP E 69 -35.58 -7.74 5.70
C TRP E 69 -36.38 -8.68 6.58
N ASP E 70 -37.40 -9.30 6.02
CA ASP E 70 -38.24 -10.23 6.78
C ASP E 70 -37.47 -11.52 7.00
N SER E 71 -37.00 -11.74 8.23
CA SER E 71 -36.24 -12.94 8.53
C SER E 71 -37.09 -14.04 9.17
N SER E 72 -38.40 -13.93 9.05
CA SER E 72 -39.28 -14.93 9.62
C SER E 72 -39.06 -16.28 8.96
N HIS E 73 -38.50 -16.26 7.74
CA HIS E 73 -38.24 -17.49 7.00
C HIS E 73 -36.89 -17.46 6.30
N SER E 74 -35.85 -17.03 7.02
CA SER E 74 -34.51 -16.95 6.49
C SER E 74 -33.53 -16.50 7.57
N PRO E 75 -32.22 -16.54 7.27
CA PRO E 75 -31.20 -16.13 8.25
C PRO E 75 -31.53 -14.80 8.95
N ASP E 76 -31.12 -14.69 10.19
CA ASP E 76 -31.38 -13.51 11.02
C ASP E 76 -30.26 -12.45 10.94
N GLN E 77 -29.02 -12.92 10.80
CA GLN E 77 -27.85 -12.05 10.70
C GLN E 77 -26.93 -12.51 9.57
N VAL E 78 -26.06 -11.61 9.11
CA VAL E 78 -25.08 -11.93 8.08
C VAL E 78 -23.87 -11.02 8.21
N SER E 79 -22.68 -11.60 7.99
CA SER E 79 -21.46 -10.82 8.03
C SER E 79 -21.37 -10.16 6.66
N VAL E 80 -21.04 -8.87 6.64
CA VAL E 80 -20.97 -8.10 5.40
C VAL E 80 -19.73 -7.21 5.34
N PRO E 81 -19.07 -7.15 4.17
CA PRO E 81 -17.86 -6.32 4.01
C PRO E 81 -18.26 -4.86 4.17
N ILE E 82 -17.54 -4.10 4.99
CA ILE E 82 -17.91 -2.70 5.19
C ILE E 82 -17.96 -1.84 3.93
N SER E 83 -17.24 -2.24 2.88
CA SER E 83 -17.25 -1.50 1.62
C SER E 83 -18.62 -1.58 0.93
N SER E 84 -19.42 -2.58 1.30
CA SER E 84 -20.76 -2.72 0.73
C SER E 84 -21.78 -1.95 1.57
N LEU E 85 -21.32 -1.40 2.69
CA LEU E 85 -22.20 -0.65 3.60
C LEU E 85 -21.80 0.80 3.82
N TRP E 86 -22.75 1.59 4.31
CA TRP E 86 -22.46 2.97 4.65
C TRP E 86 -21.89 2.81 6.04
N VAL E 87 -20.85 3.55 6.34
CA VAL E 87 -20.22 3.49 7.65
C VAL E 87 -19.92 4.91 8.10
N PRO E 88 -20.14 5.20 9.39
CA PRO E 88 -19.85 6.57 9.84
C PRO E 88 -18.38 6.92 9.61
N ASP E 89 -18.13 8.13 9.10
CA ASP E 89 -16.77 8.59 8.83
C ASP E 89 -16.06 9.04 10.11
N LEU E 90 -15.93 8.14 11.07
CA LEU E 90 -15.29 8.46 12.33
C LEU E 90 -13.78 8.69 12.15
N ALA E 91 -13.21 9.52 13.01
CA ALA E 91 -11.79 9.81 12.96
C ALA E 91 -11.31 10.15 14.36
N ALA E 92 -10.09 9.73 14.69
CA ALA E 92 -9.49 10.04 15.97
C ALA E 92 -8.77 11.38 15.78
N TYR E 93 -9.28 12.43 16.42
CA TYR E 93 -8.72 13.77 16.30
C TYR E 93 -7.24 13.87 16.67
N ASN E 94 -6.83 13.19 17.74
CA ASN E 94 -5.44 13.26 18.17
C ASN E 94 -4.56 12.10 17.71
N ALA E 95 -5.02 11.35 16.72
CA ALA E 95 -4.23 10.23 16.21
C ALA E 95 -3.15 10.79 15.29
N ILE E 96 -1.95 10.25 15.37
CA ILE E 96 -0.86 10.74 14.52
C ILE E 96 -0.42 9.75 13.45
N SER E 97 -1.21 8.69 13.29
CA SER E 97 -0.96 7.69 12.26
C SER E 97 -2.33 7.16 11.87
N LYS E 98 -2.43 6.59 10.67
CA LYS E 98 -3.71 6.04 10.20
C LYS E 98 -3.99 4.73 10.95
N PRO E 99 -5.27 4.37 11.06
CA PRO E 99 -5.59 3.14 11.79
C PRO E 99 -5.07 1.91 11.05
N GLU E 100 -4.39 1.03 11.77
CA GLU E 100 -3.94 -0.21 11.16
C GLU E 100 -4.99 -1.23 11.63
N VAL E 101 -5.96 -1.51 10.77
CA VAL E 101 -7.02 -2.47 11.08
C VAL E 101 -6.44 -3.88 11.00
N LEU E 102 -6.43 -4.56 12.14
CA LEU E 102 -5.86 -5.89 12.27
C LEU E 102 -6.80 -7.05 11.95
N THR E 103 -8.09 -6.76 11.90
CA THR E 103 -9.08 -7.81 11.68
C THR E 103 -9.84 -7.67 10.37
N PRO E 104 -10.44 -8.78 9.91
CA PRO E 104 -11.20 -8.74 8.65
C PRO E 104 -12.22 -7.59 8.74
N GLN E 105 -12.27 -6.77 7.71
CA GLN E 105 -13.18 -5.64 7.71
C GLN E 105 -14.62 -6.03 7.32
N LEU E 106 -15.24 -6.73 8.25
CA LEU E 106 -16.60 -7.22 8.11
C LEU E 106 -17.46 -6.70 9.24
N ALA E 107 -18.70 -6.33 8.91
CA ALA E 107 -19.65 -5.87 9.91
C ALA E 107 -20.74 -6.92 10.00
N ARG E 108 -21.52 -6.86 11.07
CA ARG E 108 -22.60 -7.79 11.25
C ARG E 108 -23.92 -6.99 11.09
N VAL E 109 -24.78 -7.43 10.19
CA VAL E 109 -26.07 -6.77 9.94
C VAL E 109 -27.23 -7.64 10.43
N VAL E 110 -28.03 -7.13 11.37
CA VAL E 110 -29.19 -7.87 11.88
C VAL E 110 -30.41 -7.52 11.02
N SER E 111 -31.30 -8.49 10.82
CA SER E 111 -32.49 -8.29 9.98
C SER E 111 -33.32 -7.02 10.23
N ASP E 112 -33.17 -6.40 11.40
CA ASP E 112 -33.91 -5.17 11.71
C ASP E 112 -33.20 -3.92 11.18
N GLY E 113 -31.96 -4.09 10.71
CA GLY E 113 -31.22 -2.96 10.19
C GLY E 113 -30.11 -2.49 11.09
N GLU E 114 -29.95 -3.14 12.24
CA GLU E 114 -28.89 -2.79 13.17
C GLU E 114 -27.55 -3.26 12.58
N VAL E 115 -26.54 -2.41 12.66
CA VAL E 115 -25.23 -2.73 12.14
C VAL E 115 -24.19 -2.68 13.24
N LEU E 116 -23.34 -3.70 13.29
CA LEU E 116 -22.27 -3.76 14.27
C LEU E 116 -20.93 -3.95 13.54
N TYR E 117 -19.94 -3.14 13.91
CA TYR E 117 -18.60 -3.23 13.34
C TYR E 117 -17.64 -3.08 14.50
N MET E 118 -16.79 -4.09 14.69
CA MET E 118 -15.85 -4.08 15.80
C MET E 118 -14.47 -4.45 15.30
N PRO E 119 -13.77 -3.51 14.67
CA PRO E 119 -12.43 -3.87 14.19
C PRO E 119 -11.42 -3.75 15.31
N SER E 120 -10.35 -4.55 15.23
CA SER E 120 -9.29 -4.44 16.21
C SER E 120 -8.33 -3.49 15.50
N ILE E 121 -7.88 -2.47 16.21
CA ILE E 121 -7.03 -1.46 15.60
C ILE E 121 -5.77 -1.08 16.37
N ARG E 122 -4.67 -0.90 15.65
CA ARG E 122 -3.44 -0.45 16.28
C ARG E 122 -3.28 0.96 15.73
N GLN E 123 -3.04 1.92 16.61
CA GLN E 123 -2.92 3.30 16.14
C GLN E 123 -2.06 4.08 17.11
N ARG E 124 -1.33 5.07 16.60
N ARG E 124 -1.34 5.08 16.60
CA ARG E 124 -0.47 5.90 17.45
CA ARG E 124 -0.48 5.90 17.44
C ARG E 124 -1.14 7.24 17.71
C ARG E 124 -1.14 7.25 17.71
N PHE E 125 -1.12 7.66 18.98
CA PHE E 125 -1.74 8.93 19.37
C PHE E 125 -0.79 9.91 20.05
N SER E 126 -1.21 11.17 20.06
CA SER E 126 -0.49 12.22 20.74
C SER E 126 -1.37 12.53 21.93
N CYS E 127 -0.89 12.21 23.13
CA CYS E 127 -1.65 12.46 24.34
C CYS E 127 -0.75 12.63 25.55
N ASP E 128 -1.33 12.94 26.70
CA ASP E 128 -0.56 13.13 27.92
C ASP E 128 0.00 11.81 28.44
N VAL E 129 1.31 11.66 28.35
CA VAL E 129 1.97 10.44 28.82
C VAL E 129 2.70 10.67 30.14
N SER E 130 2.77 11.92 30.57
CA SER E 130 3.47 12.24 31.82
C SER E 130 2.92 11.45 33.00
N GLY E 131 3.84 10.88 33.80
CA GLY E 131 3.45 10.12 34.97
C GLY E 131 3.25 8.64 34.73
N VAL E 132 3.60 8.17 33.55
CA VAL E 132 3.44 6.77 33.21
C VAL E 132 4.27 5.85 34.11
N ASP E 133 5.39 6.36 34.61
CA ASP E 133 6.27 5.59 35.48
C ASP E 133 5.90 5.66 36.97
N THR E 134 4.91 6.49 37.30
CA THR E 134 4.48 6.66 38.68
C THR E 134 3.31 5.75 39.08
N GLU E 135 3.08 5.67 40.38
CA GLU E 135 2.02 4.87 40.95
C GLU E 135 0.66 5.36 40.44
N SER E 136 0.54 6.66 40.21
CA SER E 136 -0.71 7.25 39.75
C SER E 136 -0.87 7.09 38.23
N GLY E 137 0.23 6.80 37.54
CA GLY E 137 0.20 6.61 36.10
C GLY E 137 -0.22 7.81 35.25
N ALA E 138 -0.21 7.61 33.94
CA ALA E 138 -0.58 8.66 33.00
C ALA E 138 -2.02 8.49 32.56
N THR E 139 -2.60 9.57 32.05
CA THR E 139 -3.98 9.53 31.57
C THR E 139 -4.01 10.03 30.13
N CYS E 140 -4.10 9.09 29.19
CA CYS E 140 -4.14 9.40 27.77
C CYS E 140 -5.58 9.50 27.28
N ARG E 141 -5.93 10.67 26.75
CA ARG E 141 -7.28 10.91 26.24
C ARG E 141 -7.34 10.78 24.71
N ILE E 142 -8.26 9.94 24.23
CA ILE E 142 -8.46 9.72 22.80
C ILE E 142 -9.81 10.29 22.41
N LYS E 143 -9.83 11.13 21.38
CA LYS E 143 -11.06 11.76 20.91
C LYS E 143 -11.49 11.30 19.51
N ILE E 144 -12.65 10.65 19.44
CA ILE E 144 -13.18 10.10 18.20
C ILE E 144 -14.58 10.66 17.87
N GLY E 145 -14.78 11.07 16.62
CA GLY E 145 -16.07 11.61 16.21
C GLY E 145 -16.16 11.73 14.71
N SER E 146 -17.36 12.02 14.20
CA SER E 146 -17.55 12.16 12.75
C SER E 146 -16.71 13.31 12.24
N TRP E 147 -16.03 13.08 11.13
CA TRP E 147 -15.18 14.10 10.55
C TRP E 147 -15.99 15.14 9.76
N THR E 148 -16.92 14.68 8.94
CA THR E 148 -17.69 15.60 8.13
C THR E 148 -19.18 15.74 8.44
N HIS E 149 -19.72 14.89 9.30
CA HIS E 149 -21.14 14.99 9.62
C HIS E 149 -21.35 15.72 10.94
N HIS E 150 -22.06 16.85 10.89
CA HIS E 150 -22.32 17.62 12.10
C HIS E 150 -23.42 17.02 12.98
N SER E 151 -23.60 17.58 14.17
CA SER E 151 -24.58 17.09 15.15
C SER E 151 -25.99 16.78 14.66
N ARG E 152 -26.41 17.37 13.55
CA ARG E 152 -27.76 17.11 13.04
C ARG E 152 -27.83 15.98 12.01
N GLU E 153 -26.67 15.43 11.65
CA GLU E 153 -26.63 14.33 10.69
C GLU E 153 -26.10 13.07 11.40
N ILE E 154 -25.18 13.26 12.33
CA ILE E 154 -24.65 12.13 13.09
C ILE E 154 -24.49 12.48 14.56
N SER E 155 -24.84 11.51 15.38
CA SER E 155 -24.72 11.66 16.81
C SER E 155 -23.81 10.51 17.28
N VAL E 156 -22.97 10.77 18.28
CA VAL E 156 -22.11 9.71 18.81
C VAL E 156 -22.24 9.66 20.32
N ASP E 157 -22.41 8.45 20.85
CA ASP E 157 -22.55 8.29 22.29
C ASP E 157 -21.77 7.10 22.81
N PRO E 158 -21.15 7.26 23.98
CA PRO E 158 -20.36 6.18 24.58
C PRO E 158 -21.23 5.03 25.08
N THR E 159 -20.78 3.81 24.80
CA THR E 159 -21.44 2.59 25.21
C THR E 159 -20.59 2.06 26.36
N THR E 160 -21.21 1.33 27.29
CA THR E 160 -20.46 0.79 28.40
C THR E 160 -20.79 -0.69 28.58
N GLU E 161 -19.85 -1.43 29.13
CA GLU E 161 -20.07 -2.85 29.38
C GLU E 161 -19.79 -3.12 30.85
N ASN E 162 -20.59 -3.99 31.45
CA ASN E 162 -20.42 -4.35 32.85
C ASN E 162 -19.32 -5.41 32.87
N SER E 163 -18.10 -4.99 32.55
CA SER E 163 -16.96 -5.89 32.51
C SER E 163 -15.67 -5.13 32.81
N ASP E 164 -14.69 -5.82 33.39
CA ASP E 164 -13.42 -5.20 33.75
C ASP E 164 -12.71 -4.61 32.54
N ASP E 165 -12.23 -3.38 32.69
CA ASP E 165 -11.53 -2.68 31.60
C ASP E 165 -10.33 -3.48 31.08
N SER E 166 -9.81 -4.38 31.90
CA SER E 166 -8.65 -5.18 31.53
C SER E 166 -8.98 -6.62 31.20
N GLU E 167 -10.26 -6.91 31.01
CA GLU E 167 -10.68 -8.28 30.71
C GLU E 167 -10.09 -8.87 29.43
N TYR E 168 -9.73 -8.02 28.49
CA TYR E 168 -9.17 -8.48 27.22
C TYR E 168 -7.78 -7.91 27.02
N PHE E 169 -7.30 -7.19 28.02
CA PHE E 169 -5.97 -6.59 27.94
C PHE E 169 -4.87 -7.64 27.99
N SER E 170 -3.78 -7.37 27.28
CA SER E 170 -2.65 -8.30 27.24
C SER E 170 -1.89 -8.36 28.56
N GLN E 171 -1.75 -9.56 29.09
CA GLN E 171 -1.05 -9.77 30.35
C GLN E 171 0.44 -9.66 30.12
N TYR E 172 0.85 -9.72 28.86
CA TYR E 172 2.25 -9.66 28.50
C TYR E 172 2.72 -8.26 28.12
N SER E 173 1.84 -7.28 28.29
CA SER E 173 2.17 -5.89 28.00
C SER E 173 3.02 -5.35 29.14
N ARG E 174 3.90 -4.39 28.84
CA ARG E 174 4.76 -3.80 29.86
C ARG E 174 3.97 -2.79 30.69
N PHE E 175 2.73 -2.57 30.31
CA PHE E 175 1.89 -1.62 31.03
C PHE E 175 0.61 -2.28 31.50
N GLU E 176 -0.13 -1.60 32.38
CA GLU E 176 -1.37 -2.12 32.90
C GLU E 176 -2.41 -1.00 32.96
N ILE E 177 -3.68 -1.38 32.88
CA ILE E 177 -4.76 -0.42 32.91
C ILE E 177 -5.27 -0.15 34.34
N LEU E 178 -5.26 1.12 34.73
CA LEU E 178 -5.72 1.53 36.06
C LEU E 178 -7.21 1.87 36.00
N ASP E 179 -7.63 2.49 34.91
CA ASP E 179 -9.03 2.87 34.72
C ASP E 179 -9.34 3.42 33.33
N VAL E 180 -10.61 3.40 32.97
CA VAL E 180 -11.06 3.91 31.68
C VAL E 180 -12.43 4.58 31.81
N THR E 181 -12.52 5.84 31.40
CA THR E 181 -13.79 6.56 31.45
C THR E 181 -14.10 7.16 30.08
N GLN E 182 -15.39 7.31 29.79
CA GLN E 182 -15.80 7.84 28.49
C GLN E 182 -16.87 8.94 28.60
N LYS E 183 -16.50 10.15 28.21
CA LYS E 183 -17.43 11.29 28.23
C LYS E 183 -17.88 11.63 26.81
N LYS E 184 -18.99 12.35 26.70
CA LYS E 184 -19.52 12.75 25.41
C LYS E 184 -19.41 14.29 25.28
N ASN E 185 -19.14 14.78 24.06
CA ASN E 185 -18.99 16.22 23.84
C ASN E 185 -19.63 16.69 22.54
N SER E 186 -19.82 18.00 22.44
CA SER E 186 -20.39 18.63 21.26
C SER E 186 -19.61 19.93 21.05
N VAL E 187 -18.52 19.84 20.29
CA VAL E 187 -17.65 20.99 20.05
C VAL E 187 -18.01 21.78 18.80
N THR E 188 -17.86 23.10 18.89
CA THR E 188 -18.12 23.98 17.77
C THR E 188 -16.78 24.63 17.40
N TYR E 189 -16.29 24.35 16.20
CA TYR E 189 -15.01 24.89 15.74
C TYR E 189 -15.22 26.12 14.85
N SER E 190 -14.40 27.13 15.07
CA SER E 190 -14.48 28.38 14.31
C SER E 190 -14.42 28.18 12.80
N CYS E 191 -13.96 27.01 12.38
CA CYS E 191 -13.87 26.70 10.96
C CYS E 191 -15.22 26.63 10.31
N CYS E 192 -16.15 26.13 11.09
CA CYS E 192 -17.45 25.84 10.56
C CYS E 192 -18.62 26.19 11.49
N PRO E 193 -19.78 26.53 10.91
CA PRO E 193 -21.00 26.91 11.63
C PRO E 193 -21.62 25.87 12.57
N GLU E 194 -21.81 24.65 12.10
CA GLU E 194 -22.41 23.60 12.93
C GLU E 194 -21.47 23.02 13.99
N ALA E 195 -22.04 22.25 14.92
CA ALA E 195 -21.26 21.62 15.99
C ALA E 195 -21.06 20.14 15.67
N TYR E 196 -19.93 19.58 16.08
CA TYR E 196 -19.63 18.17 15.84
C TYR E 196 -19.45 17.43 17.16
N GLU E 197 -20.09 16.27 17.29
CA GLU E 197 -20.00 15.51 18.53
C GLU E 197 -18.79 14.60 18.52
N ASP E 198 -18.34 14.22 19.70
CA ASP E 198 -17.19 13.35 19.84
C ASP E 198 -17.27 12.62 21.16
N VAL E 199 -16.71 11.42 21.19
CA VAL E 199 -16.66 10.63 22.41
C VAL E 199 -15.21 10.75 22.82
N GLU E 200 -14.97 10.98 24.09
CA GLU E 200 -13.63 11.14 24.58
C GLU E 200 -13.39 9.98 25.52
N VAL E 201 -12.35 9.20 25.26
CA VAL E 201 -12.04 8.06 26.10
C VAL E 201 -10.74 8.32 26.82
N SER E 202 -10.79 8.24 28.15
CA SER E 202 -9.60 8.47 28.96
C SER E 202 -9.00 7.15 29.43
N LEU E 203 -7.71 6.98 29.15
CA LEU E 203 -7.02 5.75 29.53
C LEU E 203 -5.99 6.05 30.60
N ASN E 204 -6.24 5.52 31.80
CA ASN E 204 -5.35 5.70 32.93
C ASN E 204 -4.52 4.42 33.02
N PHE E 205 -3.26 4.52 32.59
CA PHE E 205 -2.37 3.36 32.60
C PHE E 205 -1.00 3.72 33.18
N ARG E 206 -0.20 2.71 33.46
CA ARG E 206 1.13 2.92 34.00
C ARG E 206 2.01 1.71 33.71
N LYS E 207 3.32 1.91 33.77
CA LYS E 207 4.27 0.82 33.54
C LYS E 207 4.06 -0.20 34.67
N LYS E 208 4.13 -1.49 34.35
CA LYS E 208 3.93 -2.51 35.38
C LYS E 208 5.13 -2.59 36.32
N GLY E 209 4.83 -2.65 37.62
CA GLY E 209 5.87 -2.71 38.63
C GLY E 209 6.96 -3.71 38.31
#